data_3B1T
#
_entry.id   3B1T
#
_cell.length_a   145.787
_cell.length_b   60.853
_cell.length_c   114.302
_cell.angle_alpha   90.00
_cell.angle_beta   123.99
_cell.angle_gamma   90.00
#
_symmetry.space_group_name_H-M   'C 1 2 1'
#
loop_
_entity.id
_entity.type
_entity.pdbx_description
1 polymer 'Protein-arginine deiminase type-4'
2 non-polymer '2-{[(2S)-1-amino-5-{[(1Z)-2-chloroethanimidoyl]amino}-1-oxopentan-2-yl]carbamoyl}benzoic acid'
3 non-polymer 'SULFATE ION'
4 non-polymer 'CALCIUM ION'
5 water water
#
_entity_poly.entity_id   1
_entity_poly.type   'polypeptide(L)'
_entity_poly.pdbx_seq_one_letter_code
;GPLGSPEFMAQGTLIRVTPEQPTHAVCVLGTLTQLDICSSAPEDCTSFSINASPGVVVDIAHSPPAKKKSTGSSTWPLDP
GVEVTLTMKAASGSTGDQKVQISYYGPKTPPVKALLYLTAVEISLCADITRTGKVKPTRAVKDQRTWTWGPCGQGAILLV
NCDRDNLESSAMDCEDDEVLDSEDLQDMSLMTLSTKTPKDFFTNHTLVLHVARSEMDKVRVFQATRGKLSSKCSVVLGPK
WPSHYLMVPGGKHNMDFYVEALAFPDTDFPGLITLTISLLDTSNLELPEAVVFQDSVVFRVAPWIMTPNTQPPQEVYACS
IFENEDFLKSVTTLAMKAKCKLTICPEEENMDDQWMQDEMEIGYIQAPHKTLPVVFDSPRNRGLKEFPIKRVMGPDFGYV
TRGPQTGGISGLDSFGNLEVSPPVTVRGKEYPLGRILFGDSCYPSNDSRQMHQALQDFLSAQQVQAPVKLYSDWLSVGHV
DEFLSFVPAPDRKGFRLLLASPRSCYKLFQEQQNEGHGEALLFEGIKKKKQQKIKNILSNKTLREHNSFVERCIDWNREL
LKRELGLAESDIIDIPQLFKLKEFSKAEAFFPNMVNMLVLGKHLGIPKPFGPVINGRCCLEEKVCSLLEPLGLQCTFIND
FFTYHIRHGEVHCGTNVRRKPFSFKWWNMVP
;
_entity_poly.pdbx_strand_id   A
#
loop_
_chem_comp.id
_chem_comp.type
_chem_comp.name
_chem_comp.formula
CA non-polymer 'CALCIUM ION' 'Ca 2'
SO4 non-polymer 'SULFATE ION' 'O4 S -2'
YCL non-polymer '2-{[(2S)-1-amino-5-{[(1Z)-2-chloroethanimidoyl]amino}-1-oxopentan-2-yl]carbamoyl}benzoic acid' 'C15 H19 Cl N4 O4'
#
# COMPACT_ATOMS: atom_id res chain seq x y z
N GLY A 12 -12.14 13.34 31.00
CA GLY A 12 -12.80 13.74 32.30
C GLY A 12 -11.87 13.66 33.52
N THR A 13 -12.22 14.36 34.60
CA THR A 13 -11.59 14.11 35.90
C THR A 13 -12.39 14.68 37.05
N LEU A 14 -12.67 13.84 38.05
CA LEU A 14 -13.29 14.36 39.28
C LEU A 14 -12.20 14.80 40.26
N ILE A 15 -12.18 16.10 40.56
CA ILE A 15 -11.51 16.59 41.74
C ILE A 15 -12.57 16.49 42.84
N ARG A 16 -12.16 15.94 43.98
CA ARG A 16 -13.02 15.72 45.10
C ARG A 16 -12.55 16.60 46.23
N VAL A 17 -13.43 17.46 46.74
CA VAL A 17 -13.03 18.40 47.79
C VAL A 17 -13.74 18.19 49.12
N THR A 18 -13.03 18.49 50.18
CA THR A 18 -13.53 18.40 51.54
C THR A 18 -13.35 19.75 52.21
N PRO A 19 -14.12 20.03 53.26
CA PRO A 19 -13.76 21.13 54.12
C PRO A 19 -12.78 20.69 55.20
N GLU A 20 -12.62 19.39 55.38
CA GLU A 20 -11.71 18.89 56.40
C GLU A 20 -10.23 18.94 55.96
N GLN A 21 -10.00 19.29 54.70
CA GLN A 21 -8.63 19.46 54.20
C GLN A 21 -8.61 20.27 52.88
N PRO A 22 -7.47 20.85 52.54
CA PRO A 22 -7.31 21.44 51.22
C PRO A 22 -6.80 20.35 50.27
N THR A 23 -7.17 20.41 49.00
CA THR A 23 -6.74 19.40 48.05
C THR A 23 -5.88 19.98 46.94
N HIS A 24 -4.92 19.18 46.50
CA HIS A 24 -4.00 19.58 45.47
C HIS A 24 -4.20 18.76 44.25
N ALA A 25 -4.48 19.41 43.14
CA ALA A 25 -4.78 18.71 41.90
C ALA A 25 -4.09 19.36 40.72
N VAL A 26 -3.92 18.60 39.65
CA VAL A 26 -3.40 19.08 38.38
C VAL A 26 -4.48 19.09 37.30
N CYS A 27 -4.46 20.08 36.41
CA CYS A 27 -5.35 20.10 35.24
C CYS A 27 -4.52 20.23 33.98
N VAL A 28 -4.83 19.43 32.98
CA VAL A 28 -4.16 19.50 31.70
C VAL A 28 -5.03 20.33 30.77
N LEU A 29 -4.41 21.27 30.06
CA LEU A 29 -5.16 22.08 29.12
C LEU A 29 -5.79 21.21 28.03
N GLY A 30 -7.09 21.44 27.81
CA GLY A 30 -7.87 20.74 26.79
C GLY A 30 -8.75 19.63 27.35
N THR A 31 -8.80 19.54 28.68
CA THR A 31 -9.41 18.44 29.35
C THR A 31 -10.56 19.02 30.15
N LEU A 32 -11.62 18.26 30.33
CA LEU A 32 -12.76 18.73 31.07
C LEU A 32 -12.65 18.29 32.53
N THR A 33 -12.38 19.24 33.43
CA THR A 33 -12.30 18.91 34.85
C THR A 33 -13.61 19.17 35.53
N GLN A 34 -14.00 18.28 36.43
CA GLN A 34 -15.21 18.51 37.21
C GLN A 34 -14.95 18.37 38.71
N LEU A 35 -15.78 19.07 39.47
CA LEU A 35 -15.58 19.27 40.89
C LEU A 35 -16.68 18.56 41.63
N ASP A 36 -16.30 17.72 42.57
CA ASP A 36 -17.25 17.04 43.43
C ASP A 36 -17.39 17.89 44.67
N ILE A 37 -18.51 18.60 44.77
CA ILE A 37 -18.75 19.46 45.89
C ILE A 37 -19.58 18.77 46.99
N CYS A 38 -20.40 17.79 46.61
CA CYS A 38 -21.38 17.20 47.53
C CYS A 38 -20.88 16.08 48.45
N SER A 39 -19.92 15.29 47.99
CA SER A 39 -19.51 14.05 48.66
C SER A 39 -18.98 14.21 50.07
N SER A 40 -18.46 15.38 50.38
CA SER A 40 -17.96 15.66 51.72
C SER A 40 -18.45 17.01 52.21
N ALA A 41 -19.54 17.49 51.63
CA ALA A 41 -20.10 18.75 52.02
C ALA A 41 -20.74 18.60 53.39
N PRO A 42 -21.06 19.74 54.00
CA PRO A 42 -21.89 19.79 55.20
C PRO A 42 -22.98 20.83 55.01
N THR A 46 -27.52 22.12 51.58
CA THR A 46 -27.77 23.43 52.16
C THR A 46 -27.57 24.51 51.10
N SER A 47 -26.31 24.90 50.89
CA SER A 47 -25.99 25.93 49.91
C SER A 47 -24.49 26.21 49.86
N PHE A 48 -24.02 26.62 48.69
CA PHE A 48 -22.59 26.86 48.46
C PHE A 48 -22.38 27.98 47.44
N SER A 49 -21.22 28.65 47.52
CA SER A 49 -20.77 29.54 46.44
C SER A 49 -19.33 29.21 46.07
N ILE A 50 -18.97 29.53 44.84
CA ILE A 50 -17.63 29.26 44.33
C ILE A 50 -16.92 30.54 43.88
N ASN A 51 -15.77 30.76 44.50
CA ASN A 51 -14.89 31.83 44.11
C ASN A 51 -13.53 31.27 43.70
N ALA A 52 -13.11 31.54 42.49
CA ALA A 52 -11.84 30.99 42.01
C ALA A 52 -10.90 32.08 41.53
N SER A 53 -9.61 31.80 41.61
CA SER A 53 -8.61 32.69 41.09
C SER A 53 -8.98 33.11 39.68
N PRO A 54 -8.20 34.01 39.10
CA PRO A 54 -8.55 34.62 37.82
C PRO A 54 -8.29 33.71 36.63
N GLY A 55 -7.29 32.86 36.73
CA GLY A 55 -6.98 31.90 35.65
C GLY A 55 -7.90 30.69 35.57
N VAL A 56 -8.75 30.52 36.56
CA VAL A 56 -9.67 29.41 36.58
C VAL A 56 -11.07 29.88 36.28
N VAL A 57 -11.64 29.37 35.20
CA VAL A 57 -13.00 29.73 34.86
C VAL A 57 -13.97 28.63 35.22
N VAL A 58 -15.01 29.00 35.93
CA VAL A 58 -15.94 28.05 36.47
C VAL A 58 -17.32 28.20 35.89
N ASP A 59 -17.81 27.16 35.24
CA ASP A 59 -19.17 27.15 34.76
C ASP A 59 -19.99 26.36 35.74
N ILE A 60 -21.30 26.38 35.61
CA ILE A 60 -22.10 25.90 36.72
C ILE A 60 -23.60 25.83 36.38
N THR A 75 -24.31 31.53 46.21
CA THR A 75 -25.51 31.82 45.42
C THR A 75 -26.00 30.56 44.66
N TRP A 76 -25.84 29.37 45.26
CA TRP A 76 -26.24 28.10 44.64
C TRP A 76 -26.63 27.00 45.65
N PRO A 77 -27.65 26.16 45.32
CA PRO A 77 -28.21 25.16 46.22
C PRO A 77 -27.60 23.78 46.04
N LEU A 78 -27.51 23.02 47.12
CA LEU A 78 -26.79 21.74 47.09
C LEU A 78 -27.61 20.56 46.54
N ASP A 79 -28.24 20.75 45.38
CA ASP A 79 -28.95 19.65 44.71
C ASP A 79 -27.93 18.71 44.05
N PRO A 80 -27.99 17.40 44.35
CA PRO A 80 -27.05 16.45 43.71
C PRO A 80 -27.06 16.38 42.18
N GLY A 81 -28.02 17.03 41.53
CA GLY A 81 -27.94 17.28 40.09
C GLY A 81 -26.96 18.38 39.68
N VAL A 82 -26.43 19.13 40.66
CA VAL A 82 -25.60 20.32 40.38
C VAL A 82 -24.23 19.99 39.74
N GLU A 83 -24.10 20.35 38.47
CA GLU A 83 -22.88 20.17 37.68
C GLU A 83 -21.94 21.36 37.87
N VAL A 84 -20.78 21.15 38.49
CA VAL A 84 -19.75 22.19 38.56
C VAL A 84 -18.52 21.76 37.76
N THR A 85 -18.04 22.65 36.90
CA THR A 85 -17.00 22.33 35.91
C THR A 85 -15.92 23.42 35.91
N LEU A 86 -14.68 23.02 35.72
CA LEU A 86 -13.54 23.94 35.87
C LEU A 86 -12.76 23.94 34.61
N THR A 87 -12.39 25.12 34.14
CA THR A 87 -11.56 25.21 32.96
C THR A 87 -10.43 26.23 33.21
N MET A 88 -9.22 25.88 32.77
CA MET A 88 -8.06 26.76 32.89
C MET A 88 -7.74 27.38 31.55
N LYS A 89 -7.33 28.65 31.58
CA LYS A 89 -6.96 29.38 30.36
C LYS A 89 -5.48 29.17 29.97
N ALA A 90 -4.59 29.06 30.96
CA ALA A 90 -3.15 28.88 30.68
C ALA A 90 -2.34 28.05 31.70
N ALA A 91 -1.23 27.49 31.22
CA ALA A 91 -0.23 26.80 32.04
C ALA A 91 0.15 27.60 33.26
N SER A 92 0.28 26.92 34.40
CA SER A 92 0.75 27.55 35.62
C SER A 92 2.22 27.93 35.52
N GLY A 93 2.59 29.01 36.21
CA GLY A 93 3.98 29.42 36.35
C GLY A 93 4.61 28.76 37.54
N SER A 94 3.80 28.52 38.58
CA SER A 94 4.27 27.80 39.76
C SER A 94 3.20 26.83 40.27
N THR A 95 3.62 25.86 41.07
CA THR A 95 2.70 24.87 41.57
C THR A 95 1.64 25.50 42.46
N GLY A 96 0.38 25.18 42.22
CA GLY A 96 -0.71 25.66 43.04
C GLY A 96 -1.00 27.13 42.85
N ASP A 97 -0.62 27.68 41.72
CA ASP A 97 -0.80 29.11 41.51
C ASP A 97 -2.19 29.54 41.07
N GLN A 98 -3.11 28.60 40.98
CA GLN A 98 -4.51 28.93 40.76
C GLN A 98 -5.28 28.33 41.91
N LYS A 99 -6.48 28.82 42.16
CA LYS A 99 -7.09 28.52 43.41
C LYS A 99 -8.59 28.56 43.32
N VAL A 100 -9.23 27.60 43.95
CA VAL A 100 -10.67 27.59 44.00
C VAL A 100 -11.11 27.52 45.44
N GLN A 101 -12.09 28.34 45.75
CA GLN A 101 -12.60 28.37 47.11
C GLN A 101 -14.08 28.05 47.02
N ILE A 102 -14.47 27.03 47.77
CA ILE A 102 -15.82 26.56 47.86
C ILE A 102 -16.23 26.76 49.29
N SER A 103 -17.36 27.42 49.52
CA SER A 103 -17.84 27.65 50.88
C SER A 103 -19.24 27.09 50.98
N TYR A 104 -19.52 26.38 52.07
CA TYR A 104 -20.85 25.80 52.29
C TYR A 104 -21.64 26.59 53.35
N TYR A 105 -22.55 27.45 52.86
CA TYR A 105 -23.36 28.30 53.74
C TYR A 105 -24.84 27.87 53.69
N GLY A 106 -25.65 28.48 54.56
CA GLY A 106 -27.07 28.15 54.65
C GLY A 106 -27.91 29.15 55.44
N PRO A 107 -29.16 28.77 55.76
CA PRO A 107 -30.17 29.60 56.45
C PRO A 107 -29.69 30.42 57.67
N LYS A 108 -28.84 29.84 58.52
CA LYS A 108 -28.33 30.56 59.73
C LYS A 108 -26.83 30.28 60.01
N THR A 109 -26.12 29.74 59.02
CA THR A 109 -24.75 29.27 59.18
C THR A 109 -23.75 30.24 58.52
N PRO A 110 -22.72 30.69 59.28
CA PRO A 110 -21.53 31.26 58.63
C PRO A 110 -20.68 30.16 57.94
N PRO A 111 -19.84 30.55 56.96
CA PRO A 111 -19.28 29.53 56.04
C PRO A 111 -18.29 28.49 56.62
N VAL A 112 -18.45 27.24 56.21
CA VAL A 112 -17.34 26.26 56.23
C VAL A 112 -16.69 26.29 54.84
N LYS A 113 -15.36 26.39 54.80
CA LYS A 113 -14.61 26.60 53.54
C LYS A 113 -13.82 25.36 53.16
N ALA A 114 -13.85 25.02 51.88
CA ALA A 114 -13.02 23.97 51.30
C ALA A 114 -12.13 24.60 50.25
N LEU A 115 -10.83 24.35 50.33
CA LEU A 115 -9.85 24.94 49.41
C LEU A 115 -9.39 23.92 48.39
N LEU A 116 -9.12 24.38 47.16
CA LEU A 116 -8.53 23.56 46.10
C LEU A 116 -7.41 24.33 45.39
N TYR A 117 -6.19 23.77 45.37
CA TYR A 117 -5.06 24.40 44.69
C TYR A 117 -4.77 23.66 43.39
N LEU A 118 -4.84 24.37 42.27
CA LEU A 118 -4.65 23.78 40.97
C LEU A 118 -3.28 24.11 40.42
N THR A 119 -2.72 23.20 39.62
CA THR A 119 -1.60 23.49 38.77
C THR A 119 -1.99 23.07 37.36
N ALA A 120 -1.81 23.96 36.39
CA ALA A 120 -2.26 23.70 35.04
C ALA A 120 -1.05 23.44 34.17
N VAL A 121 -1.14 22.44 33.29
CA VAL A 121 -0.03 22.13 32.38
C VAL A 121 -0.51 21.81 30.95
N GLU A 122 0.37 22.09 29.98
CA GLU A 122 0.20 21.62 28.61
C GLU A 122 0.97 20.32 28.40
N ILE A 123 0.28 19.32 27.87
CA ILE A 123 0.88 18.06 27.46
C ILE A 123 0.25 17.68 26.12
N SER A 124 0.84 18.12 25.02
CA SER A 124 0.32 17.77 23.70
C SER A 124 1.24 16.84 22.92
N LEU A 125 0.71 15.68 22.56
CA LEU A 125 1.40 14.73 21.71
C LEU A 125 0.90 15.04 20.30
N CYS A 126 1.78 15.50 19.41
CA CYS A 126 1.38 15.85 18.04
C CYS A 126 2.06 15.00 16.96
N ALA A 127 1.33 14.75 15.86
CA ALA A 127 1.84 14.11 14.65
C ALA A 127 1.11 14.69 13.47
N ASP A 128 1.45 14.26 12.25
CA ASP A 128 0.82 14.81 11.03
C ASP A 128 -0.54 14.22 10.72
N ILE A 129 -1.48 14.44 11.63
CA ILE A 129 -2.79 13.78 11.57
C ILE A 129 -3.76 14.37 10.51
N THR A 130 -3.38 15.52 9.92
CA THR A 130 -4.12 16.15 8.82
C THR A 130 -3.49 15.83 7.45
N ARG A 131 -2.27 15.31 7.45
CA ARG A 131 -1.67 14.64 6.29
C ARG A 131 -1.16 15.60 5.26
N THR A 132 -0.46 16.61 5.73
CA THR A 132 -0.02 17.70 4.88
C THR A 132 1.50 17.84 4.87
N GLY A 133 2.19 16.99 5.61
CA GLY A 133 3.59 17.24 5.95
C GLY A 133 3.71 18.08 7.23
N LYS A 134 2.56 18.34 7.89
CA LYS A 134 2.46 19.06 9.18
C LYS A 134 2.64 20.57 9.03
N GLN A 144 -10.41 13.44 17.13
CA GLN A 144 -10.50 12.22 17.93
C GLN A 144 -9.21 11.42 17.80
N ARG A 145 -8.97 10.48 18.71
CA ARG A 145 -7.87 9.53 18.55
C ARG A 145 -8.32 8.31 17.73
N THR A 146 -9.17 8.52 16.72
CA THR A 146 -9.51 7.48 15.76
C THR A 146 -8.96 7.90 14.41
N TRP A 147 -8.59 6.93 13.61
CA TRP A 147 -8.11 7.14 12.26
C TRP A 147 -9.28 7.03 11.30
N THR A 148 -9.38 7.97 10.38
CA THR A 148 -10.47 7.97 9.44
C THR A 148 -9.95 8.12 8.02
N TRP A 149 -10.56 7.39 7.10
CA TRP A 149 -10.22 7.48 5.67
C TRP A 149 -10.85 8.72 5.08
N GLY A 150 -10.27 9.22 3.99
CA GLY A 150 -10.93 10.20 3.13
C GLY A 150 -10.34 11.60 3.12
N PRO A 151 -10.87 12.47 2.24
CA PRO A 151 -10.39 13.87 2.14
C PRO A 151 -10.71 14.68 3.38
N CYS A 152 -11.79 14.31 4.07
CA CYS A 152 -12.18 14.97 5.30
C CYS A 152 -11.77 14.12 6.50
N GLY A 153 -10.98 13.09 6.27
CA GLY A 153 -10.60 12.21 7.34
C GLY A 153 -9.42 12.71 8.12
N GLN A 154 -8.97 11.87 9.06
CA GLN A 154 -7.96 12.23 10.05
C GLN A 154 -7.11 11.05 10.53
N GLY A 155 -5.80 11.27 10.64
CA GLY A 155 -4.87 10.25 11.19
C GLY A 155 -3.52 10.28 10.49
N ALA A 156 -2.43 10.15 11.25
CA ALA A 156 -1.06 10.19 10.66
C ALA A 156 -0.75 8.86 9.98
N ILE A 157 0.28 8.90 9.10
CA ILE A 157 0.67 7.77 8.29
C ILE A 157 2.09 7.35 8.60
N LEU A 158 2.32 6.03 8.65
CA LEU A 158 3.65 5.48 8.89
C LEU A 158 4.07 4.62 7.71
N LEU A 159 5.31 4.77 7.30
CA LEU A 159 5.89 3.90 6.30
C LEU A 159 6.59 2.72 6.96
N VAL A 160 6.46 1.52 6.39
CA VAL A 160 7.33 0.41 6.79
C VAL A 160 8.68 0.76 6.25
N ASN A 161 9.69 0.72 7.10
CA ASN A 161 11.02 1.18 6.76
C ASN A 161 11.85 0.02 6.21
N CYS A 162 11.41 -0.42 5.04
CA CYS A 162 11.77 -1.69 4.46
C CYS A 162 12.69 -1.51 3.27
N ASP A 163 13.27 -0.31 3.16
CA ASP A 163 14.32 -0.06 2.17
C ASP A 163 15.70 -0.20 2.83
N ARG A 164 16.76 0.06 2.06
CA ARG A 164 18.14 -0.08 2.52
C ARG A 164 19.01 1.15 2.19
N ASP A 165 18.91 2.18 3.03
CA ASP A 165 19.72 3.40 2.90
C ASP A 165 21.16 3.19 3.43
N ASN A 166 21.41 2.08 4.13
CA ASN A 166 22.77 1.73 4.60
C ASN A 166 23.61 1.06 3.51
N LEU A 167 24.73 1.72 3.20
CA LEU A 167 25.74 1.20 2.28
C LEU A 167 26.37 -0.07 2.84
N GLU A 168 26.53 -1.09 2.00
CA GLU A 168 27.16 -2.36 2.39
C GLU A 168 26.43 -2.99 3.58
N SER A 169 25.30 -3.62 3.28
CA SER A 169 24.45 -4.30 4.27
C SER A 169 23.48 -5.15 3.49
N SER A 170 23.00 -6.24 4.11
CA SER A 170 22.11 -7.19 3.41
C SER A 170 20.66 -7.12 3.90
N ALA A 171 20.48 -6.50 5.06
CA ALA A 171 19.21 -6.46 5.78
C ALA A 171 18.53 -5.10 5.61
N MET A 172 17.19 -5.10 5.62
CA MET A 172 16.38 -3.88 5.66
C MET A 172 16.75 -3.01 6.88
N ASP A 173 16.68 -1.69 6.73
CA ASP A 173 16.92 -0.73 7.83
C ASP A 173 16.22 -1.13 9.17
N CYS A 174 14.95 -1.56 9.10
CA CYS A 174 14.11 -1.86 10.28
C CYS A 174 14.37 -3.20 11.02
N GLU A 175 15.28 -4.01 10.48
CA GLU A 175 15.67 -5.26 11.15
C GLU A 175 16.45 -5.04 12.46
N ASP A 176 16.92 -3.82 12.69
CA ASP A 176 17.64 -3.48 13.92
C ASP A 176 17.06 -2.23 14.62
N ASP A 177 17.51 -2.04 15.87
CA ASP A 177 17.01 -0.95 16.74
C ASP A 177 17.94 0.27 16.75
N GLU A 178 18.44 0.63 15.57
CA GLU A 178 19.45 1.68 15.41
C GLU A 178 19.18 2.53 14.16
N VAL A 179 19.41 3.85 14.28
CA VAL A 179 19.37 4.78 13.16
C VAL A 179 20.81 5.13 12.80
N LEU A 180 21.29 4.60 11.68
CA LEU A 180 22.71 4.67 11.33
C LEU A 180 23.05 5.85 10.41
N ASP A 181 22.07 6.26 9.60
CA ASP A 181 22.23 7.35 8.65
C ASP A 181 21.12 8.38 8.85
N SER A 182 21.47 9.66 8.78
CA SER A 182 20.48 10.73 8.94
C SER A 182 19.54 10.77 7.73
N GLU A 183 19.97 10.12 6.65
CA GLU A 183 19.12 9.85 5.49
C GLU A 183 17.93 8.96 5.85
N ASP A 184 18.16 8.03 6.77
CA ASP A 184 17.14 7.09 7.18
C ASP A 184 15.98 7.82 7.91
N LEU A 185 16.27 8.92 8.61
CA LEU A 185 15.21 9.67 9.30
C LEU A 185 14.12 10.22 8.38
N GLN A 186 14.48 10.49 7.12
CA GLN A 186 13.53 11.05 6.15
C GLN A 186 12.41 10.08 5.81
N ASP A 187 12.65 8.78 6.02
CA ASP A 187 11.61 7.76 5.80
C ASP A 187 10.64 7.68 6.96
N MET A 188 10.97 8.33 8.07
CA MET A 188 10.26 8.14 9.31
C MET A 188 9.30 9.30 9.56
N SER A 189 8.36 9.08 10.46
CA SER A 189 7.29 10.05 10.72
C SER A 189 7.60 10.81 12.00
N LEU A 190 7.43 12.13 11.98
CA LEU A 190 7.75 12.97 13.12
C LEU A 190 6.63 12.85 14.12
N MET A 191 6.95 12.70 15.40
CA MET A 191 5.95 12.91 16.46
C MET A 191 6.57 13.79 17.54
N THR A 192 5.84 14.81 17.98
CA THR A 192 6.35 15.80 18.94
C THR A 192 5.53 15.89 20.24
N LEU A 193 6.22 15.82 21.38
CA LEU A 193 5.62 16.05 22.70
C LEU A 193 5.94 17.47 23.11
N SER A 194 4.92 18.24 23.44
CA SER A 194 5.13 19.61 23.87
C SER A 194 4.62 19.72 25.29
N THR A 195 5.41 20.33 26.15
CA THR A 195 5.00 20.49 27.50
C THR A 195 5.30 21.92 27.89
N LYS A 196 4.38 22.48 28.67
CA LYS A 196 4.52 23.77 29.34
C LYS A 196 4.10 23.50 30.78
N THR A 197 5.07 23.59 31.69
CA THR A 197 4.84 23.32 33.10
C THR A 197 5.60 24.31 33.96
N PRO A 198 5.24 24.38 35.26
CA PRO A 198 6.16 25.08 36.18
C PRO A 198 7.49 24.34 36.27
N LYS A 199 8.56 25.10 36.46
CA LYS A 199 9.93 24.57 36.50
C LYS A 199 10.07 23.32 37.36
N ASP A 200 9.48 23.31 38.55
CA ASP A 200 9.67 22.21 39.47
C ASP A 200 8.69 21.07 39.25
N PHE A 201 8.04 21.01 38.10
CA PHE A 201 6.86 20.15 37.98
C PHE A 201 7.18 18.67 37.99
N PHE A 202 8.29 18.29 37.35
CA PHE A 202 8.65 16.87 37.18
C PHE A 202 9.47 16.32 38.35
N THR A 203 9.41 17.05 39.46
CA THR A 203 9.86 16.60 40.75
C THR A 203 8.86 15.61 41.33
N ASN A 204 7.59 15.75 40.94
CA ASN A 204 6.50 14.96 41.47
C ASN A 204 5.66 14.24 40.40
N HIS A 205 5.98 14.49 39.14
CA HIS A 205 5.30 13.83 38.04
C HIS A 205 6.31 13.25 37.08
N THR A 206 5.93 12.18 36.37
CA THR A 206 6.76 11.65 35.31
C THR A 206 5.87 11.37 34.11
N LEU A 207 6.46 11.38 32.93
CA LEU A 207 5.75 11.09 31.69
C LEU A 207 6.25 9.78 31.15
N VAL A 208 5.34 8.90 30.72
CA VAL A 208 5.79 7.73 30.01
C VAL A 208 5.16 7.58 28.63
N LEU A 209 5.98 7.17 27.66
CA LEU A 209 5.55 6.81 26.32
C LEU A 209 5.35 5.32 26.29
N HIS A 210 4.26 4.85 25.66
CA HIS A 210 4.05 3.44 25.44
C HIS A 210 3.25 3.07 24.20
N VAL A 211 3.37 1.80 23.81
CA VAL A 211 2.58 1.16 22.80
C VAL A 211 2.00 -0.08 23.47
N ALA A 212 0.81 -0.48 23.08
CA ALA A 212 0.26 -1.75 23.57
C ALA A 212 1.23 -2.88 23.22
N ARG A 213 1.38 -3.88 24.08
CA ARG A 213 2.24 -5.04 23.75
C ARG A 213 1.89 -5.71 22.44
N SER A 214 0.60 -5.70 22.06
CA SER A 214 0.14 -6.24 20.75
C SER A 214 0.75 -5.59 19.56
N GLU A 215 1.24 -4.38 19.69
CA GLU A 215 1.73 -3.63 18.55
C GLU A 215 3.25 -3.34 18.62
N MET A 216 3.90 -3.62 19.76
CA MET A 216 5.33 -3.30 19.93
C MET A 216 6.22 -4.00 18.88
N ASP A 217 5.83 -5.19 18.44
CA ASP A 217 6.57 -5.85 17.34
C ASP A 217 6.41 -5.14 15.98
N LYS A 218 5.55 -4.13 15.90
CA LYS A 218 5.25 -3.51 14.60
C LYS A 218 5.65 -2.05 14.46
N VAL A 219 6.30 -1.48 15.46
CA VAL A 219 6.69 -0.10 15.41
C VAL A 219 8.05 0.05 16.10
N ARG A 220 8.81 1.05 15.71
CA ARG A 220 9.97 1.47 16.48
C ARG A 220 10.03 3.00 16.55
N VAL A 221 10.45 3.53 17.69
CA VAL A 221 10.33 4.96 17.99
C VAL A 221 11.64 5.46 18.54
N PHE A 222 12.26 6.43 17.87
CA PHE A 222 13.54 6.98 18.32
C PHE A 222 13.36 8.40 18.85
N GLN A 223 14.04 8.73 19.95
CA GLN A 223 13.99 10.09 20.53
C GLN A 223 15.10 10.94 19.93
N ALA A 224 14.76 12.18 19.55
CA ALA A 224 15.70 13.05 18.83
C ALA A 224 16.30 14.11 19.74
N THR A 225 17.56 14.45 19.43
CA THR A 225 18.44 15.32 20.25
C THR A 225 17.90 16.75 20.45
N CYS A 233 20.71 8.48 17.06
CA CYS A 233 19.48 8.29 17.84
C CYS A 233 19.46 6.96 18.59
N SER A 234 18.77 6.94 19.74
CA SER A 234 18.49 5.70 20.48
C SER A 234 16.98 5.49 20.73
N VAL A 235 16.55 4.23 20.61
CA VAL A 235 15.15 3.84 20.68
C VAL A 235 14.46 4.08 22.03
N VAL A 236 13.19 4.48 21.98
CA VAL A 236 12.41 4.62 23.18
C VAL A 236 11.28 3.60 23.25
N LEU A 237 10.73 3.19 22.11
CA LEU A 237 9.74 2.11 22.06
C LEU A 237 10.09 1.13 20.96
N GLY A 238 9.75 -0.13 21.15
CA GLY A 238 10.10 -1.11 20.15
C GLY A 238 9.72 -2.51 20.54
N PRO A 239 10.02 -3.50 19.68
CA PRO A 239 9.71 -4.89 19.95
C PRO A 239 10.22 -5.46 21.26
N LYS A 240 11.36 -5.02 21.76
CA LYS A 240 11.75 -5.47 23.09
C LYS A 240 11.01 -4.70 24.23
N TRP A 241 10.56 -3.45 23.94
CA TRP A 241 10.15 -2.44 24.94
C TRP A 241 8.81 -1.71 24.64
N PRO A 242 7.77 -1.97 25.44
CA PRO A 242 6.51 -1.29 25.21
C PRO A 242 6.31 0.02 25.95
N SER A 243 7.24 0.42 26.80
CA SER A 243 7.14 1.72 27.49
C SER A 243 8.52 2.24 27.91
N HIS A 244 8.58 3.54 28.20
CA HIS A 244 9.80 4.24 28.52
C HIS A 244 9.50 5.52 29.29
N TYR A 245 10.23 5.78 30.38
CA TYR A 245 10.06 7.01 31.14
C TYR A 245 10.73 8.14 30.39
N LEU A 246 10.04 9.23 30.11
CA LEU A 246 10.66 10.34 29.40
C LEU A 246 11.34 11.25 30.41
N MET A 247 12.44 11.85 29.99
CA MET A 247 13.19 12.75 30.83
C MET A 247 12.92 14.15 30.29
N VAL A 248 11.99 14.85 30.94
CA VAL A 248 11.54 16.14 30.46
C VAL A 248 11.79 17.16 31.57
N PRO A 249 12.29 18.37 31.23
CA PRO A 249 12.47 19.39 32.25
C PRO A 249 11.25 20.27 32.38
N GLY A 250 11.01 20.80 33.57
CA GLY A 250 9.95 21.78 33.74
C GLY A 250 10.11 22.99 32.84
N GLY A 251 9.08 23.81 32.76
CA GLY A 251 9.09 24.99 31.91
C GLY A 251 8.48 24.66 30.57
N LYS A 252 9.06 25.21 29.51
CA LYS A 252 8.57 25.05 28.15
C LYS A 252 9.54 24.16 27.39
N HIS A 253 9.07 22.98 26.99
CA HIS A 253 9.92 22.00 26.32
C HIS A 253 9.20 21.31 25.16
N ASN A 254 10.01 20.83 24.22
CA ASN A 254 9.55 20.26 22.97
C ASN A 254 10.51 19.12 22.65
N MET A 255 9.97 17.95 22.39
CA MET A 255 10.76 16.75 22.24
C MET A 255 10.26 15.98 21.03
N ASP A 256 11.18 15.69 20.12
CA ASP A 256 10.86 15.07 18.85
C ASP A 256 11.12 13.57 18.89
N PHE A 257 10.23 12.82 18.24
CA PHE A 257 10.41 11.40 18.06
C PHE A 257 10.25 11.05 16.62
N TYR A 258 10.96 10.02 16.21
CA TYR A 258 10.90 9.58 14.85
C TYR A 258 10.37 8.18 14.86
N VAL A 259 9.29 7.94 14.11
CA VAL A 259 8.61 6.63 14.11
C VAL A 259 8.68 5.93 12.75
N GLU A 260 8.99 4.62 12.79
CA GLU A 260 8.97 3.72 11.62
C GLU A 260 8.12 2.52 11.92
N ALA A 261 7.60 1.87 10.89
CA ALA A 261 6.81 0.66 11.08
C ALA A 261 7.67 -0.54 10.68
N LEU A 262 7.41 -1.72 11.25
CA LEU A 262 8.21 -2.90 10.95
C LEU A 262 7.44 -4.00 10.21
N ALA A 263 6.23 -3.69 9.77
CA ALA A 263 5.33 -4.68 9.22
C ALA A 263 4.22 -4.00 8.39
N PHE A 264 3.89 -4.60 7.25
CA PHE A 264 2.81 -4.10 6.42
C PHE A 264 1.54 -4.63 7.00
N PRO A 265 0.41 -3.95 6.71
CA PRO A 265 -0.88 -4.49 7.03
C PRO A 265 -0.97 -5.88 6.46
N ASP A 266 -1.57 -6.82 7.17
CA ASP A 266 -1.67 -8.21 6.74
C ASP A 266 -2.82 -8.87 7.47
N THR A 267 -3.02 -10.15 7.25
CA THR A 267 -4.12 -10.86 7.89
C THR A 267 -4.33 -10.60 9.37
N ASP A 268 -3.26 -10.63 10.14
CA ASP A 268 -3.35 -10.39 11.59
C ASP A 268 -2.93 -8.98 12.06
N PHE A 269 -2.78 -8.05 11.11
CA PHE A 269 -2.47 -6.67 11.41
C PHE A 269 -3.28 -5.73 10.51
N PRO A 270 -4.44 -5.22 11.00
CA PRO A 270 -5.26 -4.25 10.25
C PRO A 270 -4.49 -3.00 9.85
N GLY A 271 -3.45 -2.65 10.61
CA GLY A 271 -2.47 -1.67 10.18
C GLY A 271 -2.44 -0.39 10.99
N LEU A 272 -3.10 -0.37 12.16
CA LEU A 272 -3.07 0.81 13.03
C LEU A 272 -2.13 0.55 14.20
N ILE A 273 -1.30 1.55 14.49
CA ILE A 273 -0.46 1.57 15.67
C ILE A 273 -0.80 2.83 16.47
N THR A 274 -1.21 2.66 17.72
CA THR A 274 -1.46 3.76 18.65
C THR A 274 -0.24 3.92 19.59
N LEU A 275 0.27 5.15 19.74
CA LEU A 275 1.25 5.50 20.73
C LEU A 275 0.63 6.47 21.75
N THR A 276 0.92 6.28 23.03
CA THR A 276 0.27 6.99 24.11
C THR A 276 1.31 7.62 25.04
N ILE A 277 1.03 8.84 25.49
CA ILE A 277 1.76 9.49 26.58
C ILE A 277 0.85 9.42 27.79
N SER A 278 1.43 9.12 28.96
CA SER A 278 0.66 9.14 30.21
C SER A 278 1.42 9.99 31.20
N LEU A 279 0.72 10.90 31.87
CA LEU A 279 1.30 11.71 32.93
C LEU A 279 1.03 11.03 34.24
N LEU A 280 2.09 10.70 34.98
CA LEU A 280 1.97 10.00 36.28
C LEU A 280 2.31 10.89 37.48
N ASP A 281 1.50 10.80 38.52
CA ASP A 281 1.79 11.45 39.80
C ASP A 281 2.68 10.49 40.57
N THR A 282 3.85 10.95 40.94
CA THR A 282 4.81 10.14 41.65
C THR A 282 5.31 10.90 42.86
N SER A 283 4.40 11.42 43.69
CA SER A 283 4.71 12.33 44.80
C SER A 283 4.58 11.73 46.20
N ASN A 284 3.73 10.74 46.32
CA ASN A 284 3.76 9.86 47.48
C ASN A 284 4.81 8.77 47.15
N LEU A 285 5.76 8.54 48.05
CA LEU A 285 6.93 7.67 47.76
C LEU A 285 6.66 6.20 48.08
N GLU A 286 5.68 5.95 48.94
CA GLU A 286 5.32 4.58 49.29
C GLU A 286 4.41 4.04 48.19
N LEU A 287 3.32 4.78 47.96
CA LEU A 287 2.26 4.42 47.01
C LEU A 287 2.75 4.24 45.55
N PRO A 288 2.07 3.37 44.79
CA PRO A 288 2.36 3.27 43.37
C PRO A 288 2.14 4.59 42.64
N GLU A 289 2.74 4.72 41.48
CA GLU A 289 2.44 5.85 40.59
C GLU A 289 0.98 5.82 40.14
N ALA A 290 0.36 7.00 40.08
CA ALA A 290 -1.07 7.19 39.70
C ALA A 290 -1.15 7.93 38.40
N VAL A 291 -1.94 7.42 37.46
CA VAL A 291 -2.08 8.10 36.16
C VAL A 291 -3.02 9.28 36.31
N VAL A 292 -2.61 10.40 35.76
CA VAL A 292 -3.34 11.64 35.86
C VAL A 292 -3.97 12.01 34.51
N PHE A 293 -3.43 11.48 33.42
CA PHE A 293 -3.75 11.94 32.09
C PHE A 293 -3.10 11.05 31.03
N GLN A 294 -3.85 10.49 30.09
CA GLN A 294 -3.27 9.87 28.89
C GLN A 294 -3.75 10.58 27.66
N ASP A 295 -2.94 10.57 26.61
CA ASP A 295 -3.30 11.04 25.27
C ASP A 295 -2.53 10.19 24.26
N SER A 296 -3.03 10.19 23.04
CA SER A 296 -2.60 9.21 22.08
C SER A 296 -2.58 9.76 20.69
N VAL A 297 -1.81 9.12 19.85
CA VAL A 297 -1.76 9.42 18.44
C VAL A 297 -1.96 8.08 17.78
N VAL A 298 -2.79 8.03 16.75
CA VAL A 298 -2.98 6.78 16.03
C VAL A 298 -2.40 6.91 14.64
N PHE A 299 -1.57 5.96 14.24
CA PHE A 299 -0.97 6.02 12.95
C PHE A 299 -1.57 4.91 12.12
N ARG A 300 -1.56 5.06 10.81
CA ARG A 300 -1.90 3.95 9.95
C ARG A 300 -0.73 3.68 9.09
N VAL A 301 -0.37 2.40 8.99
CA VAL A 301 0.78 1.96 8.21
C VAL A 301 0.39 1.95 6.75
N ALA A 302 1.25 2.50 5.90
CA ALA A 302 0.96 2.62 4.46
C ALA A 302 0.91 1.29 3.77
N PRO A 303 -0.13 1.04 2.96
CA PRO A 303 -0.16 -0.18 2.21
C PRO A 303 0.85 -0.18 1.08
N TRP A 304 1.04 -1.35 0.47
CA TRP A 304 1.90 -1.53 -0.70
C TRP A 304 1.00 -1.51 -1.89
N ILE A 305 1.33 -0.66 -2.86
CA ILE A 305 0.42 -0.29 -3.92
C ILE A 305 1.06 -0.57 -5.28
N MET A 306 0.30 -1.16 -6.22
CA MET A 306 0.83 -1.44 -7.57
C MET A 306 0.51 -0.30 -8.52
N THR A 307 1.20 -0.28 -9.64
CA THR A 307 1.00 0.75 -10.65
C THR A 307 0.65 0.10 -11.99
N PRO A 308 -0.52 0.46 -12.56
CA PRO A 308 -0.94 -0.10 -13.84
C PRO A 308 -0.10 0.32 -15.02
N ASN A 309 -0.33 -0.31 -16.16
CA ASN A 309 0.39 0.06 -17.39
C ASN A 309 0.05 1.47 -17.87
N THR A 310 -0.99 2.07 -17.29
CA THR A 310 -1.44 3.40 -17.69
C THR A 310 -0.61 4.47 -17.00
N GLN A 311 0.15 4.07 -15.98
CA GLN A 311 1.09 4.98 -15.34
C GLN A 311 2.35 5.01 -16.19
N PRO A 312 2.92 6.24 -16.37
CA PRO A 312 4.09 6.45 -17.24
C PRO A 312 5.34 5.75 -16.71
N PRO A 313 6.10 5.10 -17.58
CA PRO A 313 7.18 4.27 -17.10
C PRO A 313 8.41 5.11 -16.68
N GLN A 314 9.28 4.53 -15.86
CA GLN A 314 10.48 5.19 -15.34
C GLN A 314 11.74 4.33 -15.47
N GLU A 315 11.58 3.02 -15.41
CA GLU A 315 12.73 2.12 -15.43
C GLU A 315 12.33 0.76 -15.97
N VAL A 316 13.20 0.16 -16.79
CA VAL A 316 12.95 -1.16 -17.37
C VAL A 316 13.98 -2.22 -16.91
N TYR A 317 13.54 -3.48 -16.90
CA TYR A 317 14.38 -4.61 -16.50
C TYR A 317 14.21 -5.78 -17.46
N ALA A 318 15.32 -6.49 -17.69
CA ALA A 318 15.31 -7.79 -18.40
C ALA A 318 16.66 -8.48 -18.17
N CYS A 319 16.77 -9.71 -18.65
CA CYS A 319 18.01 -10.49 -18.53
C CYS A 319 18.83 -10.48 -19.83
N SER A 320 20.16 -10.57 -19.69
CA SER A 320 21.01 -10.99 -20.80
C SER A 320 21.04 -12.52 -20.81
N ILE A 321 20.84 -13.10 -21.98
CA ILE A 321 20.76 -14.53 -22.04
C ILE A 321 21.46 -14.99 -23.30
N PHE A 322 21.70 -16.28 -23.39
CA PHE A 322 22.49 -16.86 -24.46
C PHE A 322 22.37 -16.10 -25.79
N GLU A 323 21.62 -16.66 -26.73
CA GLU A 323 21.56 -16.09 -28.06
C GLU A 323 20.46 -15.05 -28.13
N ASN A 324 20.47 -14.08 -27.24
CA ASN A 324 19.29 -13.23 -27.15
C ASN A 324 19.55 -11.74 -27.44
N GLU A 325 20.68 -11.44 -28.06
CA GLU A 325 21.16 -10.06 -28.16
C GLU A 325 20.15 -9.13 -28.86
N ASP A 326 19.42 -9.66 -29.84
CA ASP A 326 18.50 -8.86 -30.68
C ASP A 326 17.16 -8.57 -29.97
N PHE A 327 16.74 -9.44 -29.06
CA PHE A 327 15.64 -9.12 -28.15
C PHE A 327 16.07 -7.92 -27.30
N LEU A 328 17.25 -8.01 -26.70
CA LEU A 328 17.73 -6.96 -25.77
C LEU A 328 17.95 -5.62 -26.47
N LYS A 329 18.28 -5.64 -27.74
CA LYS A 329 18.51 -4.40 -28.42
C LYS A 329 17.19 -3.75 -28.72
N SER A 330 16.18 -4.57 -28.99
CA SER A 330 14.88 -4.07 -29.34
C SER A 330 14.22 -3.34 -28.18
N VAL A 331 14.39 -3.87 -26.98
CA VAL A 331 13.84 -3.25 -25.79
C VAL A 331 14.57 -1.94 -25.49
N THR A 332 15.88 -1.98 -25.62
CA THR A 332 16.72 -0.80 -25.41
C THR A 332 16.20 0.40 -26.21
N THR A 333 15.92 0.20 -27.49
CA THR A 333 15.39 1.26 -28.37
C THR A 333 14.09 1.84 -27.82
N LEU A 334 13.19 0.93 -27.47
CA LEU A 334 11.87 1.27 -26.97
C LEU A 334 11.92 2.06 -25.65
N ALA A 335 12.83 1.66 -24.76
CA ALA A 335 13.05 2.37 -23.52
C ALA A 335 13.45 3.81 -23.82
N MET A 336 14.45 3.97 -24.68
CA MET A 336 14.93 5.30 -25.08
C MET A 336 13.76 6.18 -25.53
N LYS A 337 12.93 5.65 -26.45
CA LYS A 337 11.79 6.41 -26.97
C LYS A 337 10.81 6.86 -25.88
N ALA A 338 10.69 6.07 -24.81
CA ALA A 338 9.76 6.37 -23.70
C ALA A 338 10.42 7.01 -22.46
N LYS A 339 11.74 7.22 -22.53
CA LYS A 339 12.49 7.99 -21.52
C LYS A 339 12.73 7.19 -20.23
N CYS A 340 13.13 5.93 -20.36
CA CYS A 340 13.35 5.07 -19.20
C CYS A 340 14.79 4.65 -19.02
N LYS A 341 15.25 4.69 -17.78
CA LYS A 341 16.53 4.12 -17.44
C LYS A 341 16.34 2.68 -17.79
N LEU A 342 17.42 1.92 -17.81
CA LEU A 342 17.33 0.52 -18.19
C LEU A 342 18.34 -0.30 -17.44
N THR A 343 17.91 -1.48 -16.99
CA THR A 343 18.71 -2.33 -16.13
C THR A 343 18.64 -3.77 -16.61
N ILE A 344 19.80 -4.43 -16.66
CA ILE A 344 19.85 -5.81 -17.11
C ILE A 344 20.52 -6.69 -16.06
N CYS A 345 19.90 -7.84 -15.81
CA CYS A 345 20.49 -8.88 -14.99
C CYS A 345 21.31 -9.81 -15.89
N PRO A 346 22.59 -10.05 -15.56
CA PRO A 346 23.41 -10.84 -16.48
C PRO A 346 23.33 -12.37 -16.26
N GLU A 347 23.86 -13.11 -17.25
CA GLU A 347 23.87 -14.59 -17.24
C GLU A 347 24.48 -15.24 -15.97
N GLU A 348 25.38 -14.54 -15.27
CA GLU A 348 26.01 -15.01 -14.00
C GLU A 348 25.04 -15.08 -12.83
N GLU A 349 24.19 -14.06 -12.72
CA GLU A 349 23.26 -13.91 -11.60
C GLU A 349 21.92 -14.55 -11.91
N ASN A 350 21.49 -14.46 -13.17
CA ASN A 350 20.29 -15.13 -13.74
C ASN A 350 20.08 -16.56 -13.30
N MET A 351 21.20 -17.29 -13.26
CA MET A 351 21.23 -18.75 -13.21
C MET A 351 20.44 -19.36 -14.39
N ASP A 352 20.55 -18.67 -15.54
CA ASP A 352 19.84 -19.00 -16.79
C ASP A 352 18.31 -18.78 -16.74
N ASP A 353 17.87 -18.05 -15.72
CA ASP A 353 16.46 -17.66 -15.56
C ASP A 353 16.14 -16.37 -16.34
N GLN A 354 15.30 -16.51 -17.36
CA GLN A 354 14.98 -15.39 -18.26
C GLN A 354 13.70 -14.60 -17.93
N TRP A 355 12.91 -15.06 -16.97
CA TRP A 355 11.50 -14.58 -16.83
C TRP A 355 11.32 -13.43 -15.85
N MET A 356 11.76 -12.24 -16.26
CA MET A 356 11.95 -11.08 -15.36
C MET A 356 10.60 -10.49 -14.84
N GLN A 357 9.52 -10.87 -15.50
CA GLN A 357 8.16 -10.57 -15.10
C GLN A 357 7.71 -11.34 -13.87
N ASP A 358 8.26 -12.53 -13.71
CA ASP A 358 7.71 -13.50 -12.77
C ASP A 358 8.21 -13.40 -11.31
N GLU A 359 9.48 -13.07 -11.09
CA GLU A 359 10.05 -13.12 -9.74
C GLU A 359 9.65 -11.91 -8.87
N MET A 360 9.33 -10.77 -9.48
CA MET A 360 9.04 -9.59 -8.69
C MET A 360 7.94 -8.71 -9.30
N GLU A 361 7.44 -7.78 -8.47
CA GLU A 361 6.49 -6.73 -8.89
C GLU A 361 6.91 -5.44 -8.19
N ILE A 362 7.19 -4.40 -8.95
CA ILE A 362 7.64 -3.14 -8.36
C ILE A 362 6.43 -2.26 -8.06
N GLY A 363 6.26 -1.94 -6.78
CA GLY A 363 5.20 -1.08 -6.31
C GLY A 363 5.77 0.14 -5.64
N TYR A 364 4.94 0.83 -4.88
CA TYR A 364 5.39 1.93 -4.03
C TYR A 364 4.62 2.00 -2.71
N ILE A 365 5.22 2.68 -1.74
CA ILE A 365 4.54 3.04 -0.51
C ILE A 365 4.59 4.56 -0.42
N GLN A 366 3.61 5.17 0.24
CA GLN A 366 3.35 6.62 0.10
C GLN A 366 2.92 7.20 1.44
N ALA A 367 3.59 8.26 1.84
CA ALA A 367 3.25 9.03 3.01
C ALA A 367 3.49 10.49 2.61
N PRO A 368 2.75 11.43 3.22
CA PRO A 368 2.83 12.86 2.91
C PRO A 368 4.25 13.36 2.81
N HIS A 369 5.07 12.86 3.71
CA HIS A 369 6.46 13.32 3.82
C HIS A 369 7.40 12.57 2.87
N LYS A 370 6.99 11.40 2.39
CA LYS A 370 7.90 10.56 1.64
C LYS A 370 7.21 9.46 0.81
N THR A 371 7.55 9.39 -0.46
CA THR A 371 7.04 8.32 -1.32
C THR A 371 8.22 7.55 -1.86
N LEU A 372 8.18 6.23 -1.73
CA LEU A 372 9.28 5.44 -2.25
C LEU A 372 8.82 4.18 -2.89
N PRO A 373 9.56 3.71 -3.89
CA PRO A 373 9.19 2.45 -4.52
C PRO A 373 9.64 1.24 -3.71
N VAL A 374 8.82 0.19 -3.72
CA VAL A 374 9.07 -1.05 -3.00
C VAL A 374 8.77 -2.26 -3.87
N VAL A 375 9.69 -3.22 -3.83
CA VAL A 375 9.59 -4.46 -4.60
C VAL A 375 8.97 -5.59 -3.80
N PHE A 376 7.98 -6.21 -4.41
CA PHE A 376 7.32 -7.31 -3.81
C PHE A 376 7.90 -8.50 -4.55
N ASP A 377 8.68 -9.29 -3.81
CA ASP A 377 9.47 -10.40 -4.36
C ASP A 377 8.75 -11.73 -4.19
N SER A 378 8.47 -12.37 -5.32
CA SER A 378 7.69 -13.60 -5.35
C SER A 378 8.44 -14.79 -4.74
N PRO A 379 7.72 -15.66 -4.01
CA PRO A 379 8.32 -16.87 -3.46
C PRO A 379 8.71 -17.92 -4.50
N ARG A 380 8.46 -17.67 -5.79
CA ARG A 380 8.72 -18.70 -6.78
C ARG A 380 10.19 -19.14 -6.75
N ASN A 381 11.07 -18.22 -6.35
CA ASN A 381 12.47 -18.52 -6.00
C ASN A 381 13.18 -19.42 -7.03
N ARG A 382 13.23 -18.91 -8.26
CA ARG A 382 13.82 -19.61 -9.39
C ARG A 382 15.26 -19.07 -9.55
N GLY A 383 15.81 -19.06 -10.76
CA GLY A 383 17.15 -18.47 -10.97
C GLY A 383 17.26 -16.99 -10.64
N LEU A 384 16.21 -16.21 -10.93
CA LEU A 384 16.18 -14.75 -10.63
C LEU A 384 16.10 -14.42 -9.12
N LYS A 385 15.94 -15.45 -8.28
CA LYS A 385 15.70 -15.32 -6.82
C LYS A 385 16.38 -14.15 -6.11
N GLU A 386 17.68 -14.01 -6.31
CA GLU A 386 18.50 -13.05 -5.55
C GLU A 386 18.34 -11.59 -6.01
N PHE A 387 17.99 -11.41 -7.29
CA PHE A 387 17.90 -10.10 -7.95
C PHE A 387 17.06 -9.03 -7.21
N PRO A 388 15.87 -9.39 -6.69
CA PRO A 388 15.23 -8.47 -5.75
C PRO A 388 16.06 -8.15 -4.50
N ILE A 389 16.73 -9.15 -3.92
CA ILE A 389 17.49 -8.93 -2.68
C ILE A 389 18.74 -8.03 -2.90
N LYS A 390 19.57 -8.37 -3.87
CA LYS A 390 20.86 -7.68 -4.05
C LYS A 390 20.82 -6.42 -4.93
N ARG A 391 20.06 -6.47 -6.03
CA ARG A 391 20.14 -5.42 -7.06
C ARG A 391 19.02 -4.37 -7.03
N VAL A 392 17.82 -4.76 -6.64
CA VAL A 392 16.69 -3.82 -6.67
C VAL A 392 16.52 -3.11 -5.32
N MET A 393 16.28 -3.87 -4.27
CA MET A 393 16.29 -3.35 -2.89
C MET A 393 17.51 -2.46 -2.66
N GLY A 394 17.28 -1.24 -2.17
CA GLY A 394 18.38 -0.29 -1.99
C GLY A 394 17.97 1.09 -1.53
N PRO A 395 18.85 2.08 -1.71
CA PRO A 395 18.56 3.46 -1.31
C PRO A 395 17.31 4.00 -1.99
N ASP A 396 16.30 4.29 -1.17
CA ASP A 396 14.95 4.60 -1.60
C ASP A 396 14.36 3.51 -2.52
N PHE A 397 14.54 2.26 -2.10
CA PHE A 397 13.94 1.11 -2.76
C PHE A 397 13.62 0.05 -1.71
N GLY A 398 12.34 -0.12 -1.44
CA GLY A 398 11.88 -1.04 -0.41
C GLY A 398 11.82 -2.48 -0.87
N TYR A 399 11.68 -3.36 0.11
CA TYR A 399 11.57 -4.77 -0.19
C TYR A 399 10.45 -5.43 0.63
N VAL A 400 9.80 -6.43 0.06
CA VAL A 400 8.86 -7.30 0.77
C VAL A 400 8.75 -8.65 0.10
N THR A 401 8.49 -9.67 0.89
CA THR A 401 8.22 -11.00 0.34
C THR A 401 7.10 -11.65 1.13
N ARG A 402 6.53 -12.72 0.58
CA ARG A 402 5.47 -13.49 1.24
C ARG A 402 5.47 -14.92 0.70
N GLY A 403 5.01 -15.85 1.52
CA GLY A 403 4.87 -17.22 1.09
C GLY A 403 6.03 -18.11 1.52
N PRO A 404 5.83 -19.42 1.39
CA PRO A 404 6.82 -20.40 1.83
C PRO A 404 8.01 -20.32 0.88
N GLN A 405 9.18 -20.05 1.46
CA GLN A 405 10.37 -19.77 0.68
C GLN A 405 11.13 -21.06 0.25
N THR A 406 11.01 -22.14 1.02
CA THR A 406 11.57 -23.44 0.58
C THR A 406 10.59 -24.26 -0.31
N GLY A 407 9.51 -23.63 -0.80
CA GLY A 407 8.64 -24.25 -1.82
C GLY A 407 7.29 -24.72 -1.29
N GLY A 408 6.49 -25.32 -2.18
CA GLY A 408 5.04 -25.49 -1.95
C GLY A 408 4.33 -24.40 -2.76
N ILE A 409 4.75 -24.35 -4.04
CA ILE A 409 4.63 -23.17 -4.90
C ILE A 409 4.09 -23.60 -6.26
N SER A 410 2.95 -23.00 -6.65
CA SER A 410 2.43 -23.13 -8.01
C SER A 410 3.19 -22.21 -8.94
N GLY A 411 2.88 -22.34 -10.23
CA GLY A 411 3.25 -21.35 -11.22
C GLY A 411 2.33 -20.14 -11.17
N LEU A 412 1.10 -20.31 -10.67
CA LEU A 412 0.20 -19.14 -10.48
C LEU A 412 0.74 -18.19 -9.40
N ASP A 413 1.84 -18.59 -8.74
CA ASP A 413 2.49 -17.72 -7.74
C ASP A 413 3.52 -16.79 -8.38
N SER A 414 3.75 -16.94 -9.67
CA SER A 414 4.62 -16.05 -10.44
C SER A 414 3.87 -14.75 -10.78
N PHE A 415 4.61 -13.66 -10.91
CA PHE A 415 4.02 -12.32 -10.92
C PHE A 415 3.64 -11.82 -12.28
N GLY A 416 3.72 -12.69 -13.27
CA GLY A 416 2.95 -12.54 -14.51
C GLY A 416 1.47 -12.76 -14.23
N ASN A 417 1.19 -13.41 -13.10
CA ASN A 417 -0.16 -13.60 -12.61
C ASN A 417 -0.56 -12.53 -11.59
N LEU A 418 0.13 -11.41 -11.56
CA LEU A 418 -0.31 -10.27 -10.77
C LEU A 418 -0.34 -8.97 -11.61
N GLU A 419 -1.54 -8.43 -11.83
CA GLU A 419 -1.68 -7.13 -12.53
C GLU A 419 -2.52 -6.14 -11.70
N VAL A 420 -2.59 -4.88 -12.13
CA VAL A 420 -3.60 -3.91 -11.62
C VAL A 420 -4.28 -3.35 -12.80
N SER A 421 -5.57 -3.10 -12.66
CA SER A 421 -6.29 -2.30 -13.63
C SER A 421 -5.93 -0.81 -13.48
N PRO A 422 -6.31 0.01 -14.46
CA PRO A 422 -6.21 1.44 -14.21
C PRO A 422 -7.33 1.81 -13.28
N PRO A 423 -7.37 3.08 -12.82
CA PRO A 423 -8.42 3.57 -11.98
C PRO A 423 -9.77 3.45 -12.65
N VAL A 424 -10.81 3.25 -11.88
CA VAL A 424 -11.99 2.72 -12.45
C VAL A 424 -13.09 2.94 -11.44
N THR A 425 -14.28 3.20 -11.91
CA THR A 425 -15.41 3.51 -11.03
C THR A 425 -16.52 2.58 -11.46
N VAL A 426 -17.10 1.93 -10.47
CA VAL A 426 -17.86 0.72 -10.65
C VAL A 426 -19.16 0.90 -9.90
N ARG A 427 -20.24 1.19 -10.63
CA ARG A 427 -21.55 1.38 -10.01
C ARG A 427 -21.47 2.39 -8.85
N GLY A 428 -20.74 3.47 -9.10
CA GLY A 428 -20.60 4.54 -8.11
C GLY A 428 -19.51 4.40 -7.07
N LYS A 429 -18.90 3.22 -6.91
CA LYS A 429 -17.73 3.11 -6.02
C LYS A 429 -16.43 3.40 -6.78
N GLU A 430 -15.65 4.35 -6.31
CA GLU A 430 -14.35 4.67 -6.95
C GLU A 430 -13.24 3.76 -6.47
N TYR A 431 -12.50 3.16 -7.41
CA TYR A 431 -11.20 2.58 -7.12
C TYR A 431 -10.17 3.42 -7.80
N PRO A 432 -9.79 4.51 -7.17
CA PRO A 432 -8.90 5.50 -7.79
C PRO A 432 -7.47 5.06 -8.01
N LEU A 433 -7.08 3.92 -7.47
CA LEU A 433 -5.74 3.39 -7.69
C LEU A 433 -5.83 2.06 -8.45
N GLY A 434 -6.96 1.86 -9.12
CA GLY A 434 -7.19 0.60 -9.82
C GLY A 434 -7.56 -0.50 -8.86
N ARG A 435 -7.76 -1.70 -9.39
CA ARG A 435 -8.11 -2.93 -8.66
C ARG A 435 -7.15 -4.03 -9.08
N ILE A 436 -6.53 -4.71 -8.14
CA ILE A 436 -5.56 -5.76 -8.45
C ILE A 436 -6.31 -6.95 -9.01
N LEU A 437 -5.66 -7.58 -9.97
CA LEU A 437 -6.16 -8.70 -10.73
C LEU A 437 -5.22 -9.86 -10.58
N PHE A 438 -5.70 -11.03 -10.23
CA PHE A 438 -4.80 -12.17 -10.28
C PHE A 438 -5.53 -13.43 -10.67
N GLY A 439 -4.78 -14.32 -11.29
CA GLY A 439 -5.35 -15.54 -11.86
C GLY A 439 -5.64 -16.63 -10.89
N ASP A 440 -6.67 -17.43 -11.17
CA ASP A 440 -7.08 -18.57 -10.33
C ASP A 440 -7.81 -19.62 -11.20
N SER A 441 -8.39 -20.64 -10.58
CA SER A 441 -9.32 -21.53 -11.22
C SER A 441 -10.71 -21.00 -10.92
N CYS A 442 -11.74 -21.63 -11.46
CA CYS A 442 -13.10 -21.22 -11.24
C CYS A 442 -13.61 -21.87 -10.02
N TYR A 443 -13.20 -23.10 -9.81
CA TYR A 443 -13.39 -23.73 -8.53
C TYR A 443 -12.15 -24.55 -8.10
N PRO A 444 -12.03 -24.85 -6.80
CA PRO A 444 -10.90 -25.67 -6.36
C PRO A 444 -11.09 -27.18 -6.57
N SER A 445 -10.16 -27.82 -7.28
CA SER A 445 -10.15 -29.30 -7.42
C SER A 445 -8.76 -29.89 -7.11
N ASN A 446 -8.67 -31.21 -7.12
CA ASN A 446 -7.38 -31.92 -7.00
C ASN A 446 -6.34 -31.44 -8.03
N ASP A 447 -6.75 -31.39 -9.29
CA ASP A 447 -5.87 -30.91 -10.36
C ASP A 447 -5.66 -29.36 -10.45
N SER A 448 -6.46 -28.54 -9.76
CA SER A 448 -6.39 -27.07 -9.93
C SER A 448 -5.33 -26.38 -9.09
N ARG A 449 -4.90 -25.21 -9.61
CA ARG A 449 -3.84 -24.41 -9.05
C ARG A 449 -4.36 -23.05 -8.56
N GLN A 450 -3.59 -22.42 -7.70
CA GLN A 450 -3.91 -21.11 -7.16
C GLN A 450 -2.65 -20.34 -6.75
N MET A 451 -2.75 -19.02 -6.72
CA MET A 451 -1.73 -18.19 -6.09
C MET A 451 -1.82 -18.47 -4.60
N HIS A 452 -0.66 -18.50 -3.94
CA HIS A 452 -0.55 -19.00 -2.59
C HIS A 452 -1.36 -18.12 -1.64
N GLN A 453 -1.92 -18.72 -0.58
CA GLN A 453 -2.91 -17.99 0.21
C GLN A 453 -2.36 -16.74 0.88
N ALA A 454 -1.08 -16.80 1.23
CA ALA A 454 -0.41 -15.76 1.99
C ALA A 454 -0.26 -14.52 1.13
N LEU A 455 -0.08 -14.71 -0.18
CA LEU A 455 0.01 -13.57 -1.09
C LEU A 455 -1.40 -12.99 -1.27
N GLN A 456 -2.38 -13.88 -1.45
CA GLN A 456 -3.77 -13.49 -1.63
C GLN A 456 -4.18 -12.60 -0.46
N ASP A 457 -3.96 -13.09 0.76
CA ASP A 457 -4.27 -12.36 2.01
C ASP A 457 -3.53 -11.04 2.13
N PHE A 458 -2.27 -11.04 1.75
CA PHE A 458 -1.49 -9.83 1.80
C PHE A 458 -2.08 -8.74 0.90
N LEU A 459 -2.35 -9.07 -0.35
CA LEU A 459 -2.92 -8.14 -1.31
C LEU A 459 -4.27 -7.57 -0.82
N SER A 460 -5.17 -8.43 -0.35
CA SER A 460 -6.42 -7.95 0.23
C SER A 460 -6.23 -7.05 1.42
N ALA A 461 -5.27 -7.37 2.27
CA ALA A 461 -5.04 -6.64 3.52
C ALA A 461 -4.51 -5.24 3.17
N GLN A 462 -3.96 -5.10 1.97
CA GLN A 462 -3.56 -3.80 1.52
C GLN A 462 -4.79 -2.85 1.32
N GLN A 463 -5.97 -3.42 1.03
CA GLN A 463 -7.31 -2.76 1.00
C GLN A 463 -7.58 -1.91 -0.25
N VAL A 464 -6.62 -1.06 -0.54
CA VAL A 464 -6.75 0.08 -1.41
C VAL A 464 -6.83 -0.26 -2.92
N GLN A 465 -6.73 -1.54 -3.25
CA GLN A 465 -6.88 -1.98 -4.63
C GLN A 465 -7.65 -3.33 -4.68
N ALA A 466 -8.57 -3.50 -3.73
CA ALA A 466 -9.54 -4.57 -3.65
C ALA A 466 -9.38 -5.60 -4.72
N PRO A 467 -8.62 -6.66 -4.42
CA PRO A 467 -8.31 -7.58 -5.50
C PRO A 467 -9.51 -8.29 -6.12
N VAL A 468 -9.27 -8.76 -7.34
CA VAL A 468 -10.23 -9.50 -8.11
C VAL A 468 -9.61 -10.77 -8.66
N LYS A 469 -10.25 -11.90 -8.38
CA LYS A 469 -9.81 -13.20 -8.85
C LYS A 469 -10.31 -13.43 -10.24
N LEU A 470 -9.42 -13.49 -11.20
CA LEU A 470 -9.78 -13.88 -12.56
C LEU A 470 -9.54 -15.37 -12.75
N TYR A 471 -9.89 -15.88 -13.92
CA TYR A 471 -9.73 -17.32 -14.24
C TYR A 471 -8.61 -17.53 -15.24
N SER A 472 -7.47 -18.04 -14.78
CA SER A 472 -6.33 -18.29 -15.68
C SER A 472 -5.80 -19.74 -15.65
N ASP A 473 -6.41 -20.58 -14.85
CA ASP A 473 -5.87 -21.91 -14.65
C ASP A 473 -5.94 -22.77 -15.90
N TRP A 474 -6.76 -22.35 -16.85
CA TRP A 474 -6.92 -23.02 -18.16
C TRP A 474 -5.70 -22.90 -19.04
N LEU A 475 -4.84 -21.94 -18.74
CA LEU A 475 -3.61 -21.73 -19.50
C LEU A 475 -2.57 -22.63 -18.87
N SER A 476 -1.76 -23.27 -19.71
CA SER A 476 -0.60 -24.04 -19.25
C SER A 476 0.22 -23.31 -18.19
N VAL A 477 0.75 -22.14 -18.51
CA VAL A 477 1.57 -21.40 -17.57
C VAL A 477 0.71 -20.83 -16.43
N GLY A 478 -0.42 -20.23 -16.79
CA GLY A 478 -1.48 -19.86 -15.84
C GLY A 478 -1.52 -18.41 -15.42
N HIS A 479 -1.07 -17.51 -16.30
CA HIS A 479 -0.94 -16.11 -15.93
C HIS A 479 -1.92 -15.20 -16.65
N VAL A 480 -2.52 -14.28 -15.92
CA VAL A 480 -3.42 -13.29 -16.53
C VAL A 480 -2.79 -12.44 -17.65
N ASP A 481 -1.45 -12.24 -17.67
CA ASP A 481 -0.83 -11.44 -18.74
C ASP A 481 -0.82 -12.19 -20.05
N GLU A 482 -1.10 -13.49 -19.96
CA GLU A 482 -1.26 -14.29 -21.16
C GLU A 482 -2.54 -13.95 -21.91
N PHE A 483 -3.59 -13.42 -21.28
CA PHE A 483 -4.82 -13.10 -22.05
C PHE A 483 -5.29 -11.66 -21.91
N LEU A 484 -4.62 -10.85 -21.09
CA LEU A 484 -5.02 -9.43 -20.99
C LEU A 484 -3.82 -8.48 -20.88
N SER A 485 -3.99 -7.30 -21.46
CA SER A 485 -3.16 -6.16 -21.12
C SER A 485 -4.07 -4.93 -21.06
N PHE A 486 -3.48 -3.82 -20.65
CA PHE A 486 -4.12 -2.54 -20.59
C PHE A 486 -3.18 -1.56 -21.26
N VAL A 487 -3.76 -0.61 -22.00
CA VAL A 487 -3.01 0.38 -22.72
C VAL A 487 -3.65 1.76 -22.49
N PRO A 488 -2.84 2.83 -22.49
CA PRO A 488 -3.43 4.16 -22.37
C PRO A 488 -4.22 4.57 -23.63
N ALA A 489 -5.35 5.23 -23.45
CA ALA A 489 -6.12 5.75 -24.59
C ALA A 489 -6.34 7.26 -24.41
N PRO A 490 -6.47 8.00 -25.51
CA PRO A 490 -6.68 9.43 -25.32
C PRO A 490 -8.13 9.84 -25.02
N ASP A 491 -9.03 8.87 -24.95
CA ASP A 491 -10.43 9.16 -24.76
C ASP A 491 -11.12 8.23 -23.79
N ARG A 492 -12.44 8.33 -23.77
CA ARG A 492 -13.27 7.56 -22.89
C ARG A 492 -12.69 7.60 -21.48
N LYS A 493 -12.35 6.44 -20.94
CA LYS A 493 -11.87 6.34 -19.58
C LYS A 493 -10.37 6.48 -19.52
N GLY A 494 -9.78 6.78 -20.65
CA GLY A 494 -8.35 6.95 -20.78
C GLY A 494 -7.55 5.66 -20.81
N PHE A 495 -8.18 4.55 -21.16
CA PHE A 495 -7.49 3.30 -21.45
C PHE A 495 -8.34 2.39 -22.29
N ARG A 496 -7.72 1.30 -22.71
CA ARG A 496 -8.43 0.12 -23.21
C ARG A 496 -7.85 -1.16 -22.59
N LEU A 497 -8.75 -2.11 -22.36
CA LEU A 497 -8.42 -3.47 -22.05
C LEU A 497 -8.22 -4.18 -23.39
N LEU A 498 -7.11 -4.88 -23.55
CA LEU A 498 -6.90 -5.69 -24.73
C LEU A 498 -7.14 -7.11 -24.28
N LEU A 499 -8.04 -7.84 -24.95
CA LEU A 499 -8.15 -9.25 -24.66
C LEU A 499 -7.73 -10.09 -25.86
N ALA A 500 -6.89 -11.11 -25.62
CA ALA A 500 -6.62 -12.14 -26.64
C ALA A 500 -7.94 -12.67 -27.21
N SER A 501 -8.03 -12.88 -28.54
CA SER A 501 -9.29 -13.28 -29.17
C SER A 501 -9.03 -14.15 -30.38
N PRO A 502 -9.32 -15.46 -30.27
CA PRO A 502 -9.24 -16.38 -31.39
C PRO A 502 -10.22 -16.02 -32.47
N ARG A 503 -11.41 -15.65 -32.07
CA ARG A 503 -12.44 -15.26 -33.00
C ARG A 503 -11.92 -14.25 -33.98
N SER A 504 -11.22 -13.25 -33.47
CA SER A 504 -10.77 -12.14 -34.32
C SER A 504 -9.72 -12.63 -35.30
N CYS A 505 -8.95 -13.62 -34.88
CA CYS A 505 -7.95 -14.24 -35.76
C CYS A 505 -8.56 -15.19 -36.74
N TYR A 506 -9.66 -15.83 -36.40
CA TYR A 506 -10.39 -16.60 -37.38
C TYR A 506 -10.98 -15.67 -38.41
N LYS A 507 -11.58 -14.58 -37.93
CA LYS A 507 -12.18 -13.61 -38.83
C LYS A 507 -11.18 -13.04 -39.86
N LEU A 508 -9.99 -12.66 -39.40
CA LEU A 508 -8.93 -12.07 -40.25
C LEU A 508 -8.52 -13.06 -41.34
N PHE A 509 -8.18 -14.25 -40.90
CA PHE A 509 -7.75 -15.31 -41.79
C PHE A 509 -8.84 -15.63 -42.81
N GLN A 510 -10.10 -15.62 -42.37
CA GLN A 510 -11.22 -15.87 -43.27
C GLN A 510 -11.34 -14.74 -44.28
N GLU A 511 -11.32 -13.49 -43.81
CA GLU A 511 -11.27 -12.32 -44.69
C GLU A 511 -10.09 -12.33 -45.66
N GLN A 512 -8.98 -12.97 -45.31
CA GLN A 512 -7.84 -13.09 -46.26
C GLN A 512 -8.05 -14.22 -47.29
N GLN A 513 -8.46 -15.39 -46.82
CA GLN A 513 -8.86 -16.44 -47.75
C GLN A 513 -9.96 -15.90 -48.70
N ASN A 514 -10.95 -15.20 -48.14
CA ASN A 514 -12.02 -14.67 -48.97
C ASN A 514 -11.49 -13.78 -50.09
N GLU A 515 -10.40 -13.05 -49.81
CA GLU A 515 -9.78 -12.17 -50.81
C GLU A 515 -8.60 -12.86 -51.55
N GLY A 516 -8.57 -14.18 -51.46
CA GLY A 516 -7.74 -15.01 -52.32
C GLY A 516 -6.43 -15.51 -51.78
N HIS A 517 -6.11 -15.25 -50.51
CA HIS A 517 -4.80 -15.59 -49.96
C HIS A 517 -4.73 -16.86 -49.12
N GLY A 518 -5.59 -17.82 -49.41
CA GLY A 518 -5.62 -19.07 -48.64
C GLY A 518 -4.29 -19.81 -48.58
N GLU A 519 -3.45 -19.60 -49.58
CA GLU A 519 -2.13 -20.22 -49.67
C GLU A 519 -1.08 -19.48 -48.82
N ALA A 520 -1.44 -18.37 -48.18
CA ALA A 520 -0.49 -17.65 -47.35
C ALA A 520 -0.05 -18.46 -46.10
N LEU A 521 1.21 -18.29 -45.71
CA LEU A 521 1.87 -19.18 -44.76
C LEU A 521 2.12 -18.53 -43.40
N LEU A 522 1.49 -19.08 -42.37
CA LEU A 522 1.81 -18.73 -41.00
C LEU A 522 3.23 -19.26 -40.78
N PHE A 523 4.05 -18.49 -40.07
CA PHE A 523 5.42 -18.89 -39.75
C PHE A 523 6.40 -18.69 -40.91
N GLU A 524 6.01 -17.92 -41.91
CA GLU A 524 6.91 -17.54 -43.00
C GLU A 524 7.96 -16.56 -42.44
N GLY A 525 9.21 -16.71 -42.90
CA GLY A 525 10.34 -15.85 -42.46
C GLY A 525 11.16 -16.43 -41.32
N LYS A 529 10.91 -24.29 -38.09
CA LYS A 529 9.53 -24.64 -37.78
C LYS A 529 8.75 -24.90 -39.05
N LYS A 530 7.68 -25.68 -38.93
CA LYS A 530 6.85 -26.02 -40.09
C LYS A 530 5.80 -24.96 -40.40
N GLN A 531 5.83 -24.46 -41.63
CA GLN A 531 4.85 -23.50 -42.10
C GLN A 531 3.48 -24.14 -42.27
N GLN A 532 2.44 -23.35 -42.02
CA GLN A 532 1.05 -23.77 -42.28
C GLN A 532 0.26 -22.70 -43.02
N LYS A 533 -0.59 -23.13 -43.95
CA LYS A 533 -1.38 -22.24 -44.79
C LYS A 533 -2.73 -21.89 -44.16
N ILE A 534 -3.21 -20.69 -44.45
CA ILE A 534 -4.49 -20.20 -43.97
C ILE A 534 -5.66 -21.14 -44.27
N LYS A 535 -5.67 -21.78 -45.44
CA LYS A 535 -6.74 -22.73 -45.76
C LYS A 535 -6.72 -23.93 -44.84
N ASN A 536 -5.54 -24.31 -44.37
CA ASN A 536 -5.35 -25.48 -43.52
C ASN A 536 -5.55 -25.20 -42.03
N ILE A 537 -5.04 -24.07 -41.57
CA ILE A 537 -5.41 -23.55 -40.26
C ILE A 537 -6.92 -23.46 -40.16
N LEU A 538 -7.58 -22.83 -41.13
CA LEU A 538 -9.04 -22.67 -41.09
C LEU A 538 -9.88 -23.95 -41.11
N SER A 539 -9.47 -24.93 -41.91
CA SER A 539 -10.24 -26.16 -42.07
C SER A 539 -9.95 -27.17 -40.97
N ASN A 540 -8.92 -26.90 -40.18
CA ASN A 540 -8.52 -27.81 -39.12
C ASN A 540 -9.57 -27.79 -38.01
N LYS A 541 -10.36 -28.84 -37.92
CA LYS A 541 -11.54 -28.81 -37.06
C LYS A 541 -11.20 -28.90 -35.58
N THR A 542 -10.11 -29.57 -35.27
CA THR A 542 -9.73 -29.78 -33.90
C THR A 542 -9.07 -28.55 -33.33
N LEU A 543 -8.39 -27.80 -34.17
CA LEU A 543 -7.80 -26.55 -33.75
C LEU A 543 -8.90 -25.56 -33.43
N ARG A 544 -10.00 -25.66 -34.15
CA ARG A 544 -11.14 -24.77 -33.96
C ARG A 544 -11.96 -25.11 -32.72
N GLU A 545 -11.99 -26.38 -32.33
CA GLU A 545 -12.58 -26.78 -31.05
C GLU A 545 -11.79 -26.25 -29.85
N HIS A 546 -10.48 -26.46 -29.86
CA HIS A 546 -9.59 -25.85 -28.87
C HIS A 546 -9.84 -24.36 -28.77
N ASN A 547 -9.83 -23.68 -29.90
CA ASN A 547 -10.00 -22.24 -29.85
C ASN A 547 -11.42 -21.83 -29.42
N SER A 548 -12.44 -22.63 -29.71
CA SER A 548 -13.76 -22.34 -29.15
C SER A 548 -13.73 -22.46 -27.63
N PHE A 549 -12.93 -23.39 -27.11
CA PHE A 549 -12.88 -23.61 -25.67
C PHE A 549 -12.07 -22.53 -24.98
N VAL A 550 -11.01 -22.07 -25.63
CA VAL A 550 -10.27 -20.93 -25.12
C VAL A 550 -11.16 -19.68 -25.12
N GLU A 551 -11.84 -19.43 -26.22
CA GLU A 551 -12.89 -18.40 -26.33
C GLU A 551 -13.84 -18.37 -25.15
N ARG A 552 -14.32 -19.52 -24.71
CA ARG A 552 -15.13 -19.56 -23.49
C ARG A 552 -14.41 -19.11 -22.25
N CYS A 553 -13.13 -19.45 -22.15
CA CYS A 553 -12.36 -19.12 -20.95
C CYS A 553 -12.10 -17.65 -20.92
N ILE A 554 -11.70 -17.09 -22.07
CA ILE A 554 -11.44 -15.68 -22.11
C ILE A 554 -12.74 -14.92 -21.87
N ASP A 555 -13.84 -15.32 -22.52
CA ASP A 555 -15.17 -14.70 -22.34
C ASP A 555 -15.71 -14.64 -20.91
N TRP A 556 -15.56 -15.73 -20.17
CA TRP A 556 -15.88 -15.75 -18.76
C TRP A 556 -15.18 -14.56 -18.09
N ASN A 557 -13.86 -14.42 -18.25
CA ASN A 557 -13.11 -13.28 -17.70
C ASN A 557 -13.52 -11.91 -18.25
N ARG A 558 -13.88 -11.82 -19.53
CA ARG A 558 -14.34 -10.56 -20.12
C ARG A 558 -15.48 -10.03 -19.27
N GLU A 559 -16.48 -10.88 -19.02
CA GLU A 559 -17.61 -10.50 -18.19
C GLU A 559 -17.27 -10.32 -16.71
N LEU A 560 -16.30 -11.06 -16.18
CA LEU A 560 -15.80 -10.82 -14.82
C LEU A 560 -15.23 -9.40 -14.75
N LEU A 561 -14.45 -9.02 -15.74
CA LEU A 561 -13.88 -7.68 -15.77
C LEU A 561 -14.96 -6.63 -16.08
N LYS A 562 -15.94 -6.95 -16.90
CA LYS A 562 -17.05 -6.04 -17.13
C LYS A 562 -17.82 -5.70 -15.85
N ARG A 563 -18.01 -6.67 -14.96
CA ARG A 563 -18.71 -6.40 -13.72
C ARG A 563 -17.84 -5.81 -12.63
N GLU A 564 -16.71 -6.45 -12.32
CA GLU A 564 -15.86 -6.01 -11.20
C GLU A 564 -15.16 -4.69 -11.50
N LEU A 565 -14.97 -4.40 -12.77
CA LEU A 565 -14.14 -3.29 -13.17
C LEU A 565 -14.95 -2.14 -13.79
N GLY A 566 -16.27 -2.34 -13.98
CA GLY A 566 -17.13 -1.29 -14.58
C GLY A 566 -17.05 -1.06 -16.09
N LEU A 567 -16.47 -2.00 -16.82
CA LEU A 567 -16.16 -1.78 -18.20
C LEU A 567 -17.40 -1.97 -19.07
N ALA A 568 -17.38 -1.32 -20.23
CA ALA A 568 -18.38 -1.45 -21.27
C ALA A 568 -17.67 -1.97 -22.52
N GLU A 569 -18.39 -2.49 -23.49
CA GLU A 569 -17.71 -3.13 -24.62
C GLU A 569 -16.76 -2.15 -25.32
N SER A 570 -17.11 -0.86 -25.34
CA SER A 570 -16.26 0.14 -25.97
C SER A 570 -15.03 0.46 -25.15
N ASP A 571 -14.87 -0.24 -24.03
CA ASP A 571 -13.63 -0.18 -23.29
C ASP A 571 -12.66 -1.25 -23.75
N ILE A 572 -13.14 -2.19 -24.57
CA ILE A 572 -12.39 -3.42 -24.87
C ILE A 572 -12.09 -3.51 -26.35
N ILE A 573 -10.85 -3.87 -26.64
CA ILE A 573 -10.40 -4.24 -27.96
C ILE A 573 -9.96 -5.72 -27.97
N ASP A 574 -10.36 -6.47 -28.98
CA ASP A 574 -9.89 -7.83 -29.12
C ASP A 574 -8.66 -7.88 -30.05
N ILE A 575 -7.58 -8.49 -29.57
CA ILE A 575 -6.40 -8.75 -30.34
C ILE A 575 -6.48 -10.15 -30.94
N PRO A 576 -6.21 -10.29 -32.25
CA PRO A 576 -6.26 -11.63 -32.84
C PRO A 576 -5.19 -12.56 -32.30
N GLN A 577 -5.61 -13.71 -31.82
CA GLN A 577 -4.71 -14.62 -31.12
C GLN A 577 -5.26 -16.04 -31.11
N LEU A 578 -4.53 -16.95 -31.75
CA LEU A 578 -4.82 -18.37 -31.72
C LEU A 578 -4.06 -19.06 -30.58
N PHE A 579 -4.69 -20.08 -30.02
CA PHE A 579 -4.09 -20.88 -28.97
C PHE A 579 -4.25 -22.31 -29.39
N LYS A 580 -3.58 -23.19 -28.68
CA LYS A 580 -3.71 -24.62 -28.87
C LYS A 580 -3.71 -25.23 -27.50
N LEU A 581 -4.26 -26.42 -27.38
CA LEU A 581 -4.27 -27.16 -26.14
C LEU A 581 -3.24 -28.29 -26.23
N LYS A 582 -2.50 -28.48 -25.15
CA LYS A 582 -1.38 -29.41 -25.17
C LYS A 582 -1.50 -30.32 -23.95
N GLU A 583 -0.54 -30.28 -23.03
CA GLU A 583 -0.55 -31.24 -21.91
C GLU A 583 -1.65 -30.87 -20.90
N PHE A 584 -2.50 -31.86 -20.61
CA PHE A 584 -3.67 -31.71 -19.73
C PHE A 584 -4.68 -30.73 -20.32
N SER A 585 -4.78 -30.69 -21.64
CA SER A 585 -5.74 -29.83 -22.31
C SER A 585 -5.61 -28.38 -21.83
N LYS A 586 -4.37 -27.97 -21.56
CA LYS A 586 -4.04 -26.65 -21.11
C LYS A 586 -3.54 -25.89 -22.31
N ALA A 587 -3.73 -24.57 -22.27
CA ALA A 587 -3.65 -23.73 -23.47
C ALA A 587 -2.32 -23.03 -23.52
N GLU A 588 -1.76 -22.97 -24.73
CA GLU A 588 -0.53 -22.23 -25.02
C GLU A 588 -0.78 -21.44 -26.29
N ALA A 589 0.07 -20.45 -26.54
CA ALA A 589 -0.08 -19.61 -27.71
C ALA A 589 0.32 -20.39 -28.98
N PHE A 590 -0.51 -20.30 -30.00
CA PHE A 590 -0.27 -20.99 -31.28
C PHE A 590 0.84 -20.30 -32.01
N PHE A 591 0.81 -18.97 -31.93
CA PHE A 591 1.90 -18.13 -32.39
C PHE A 591 2.18 -17.09 -31.30
N PRO A 592 3.33 -16.41 -31.37
CA PRO A 592 3.66 -15.52 -30.27
C PRO A 592 2.49 -14.66 -29.79
N ASN A 593 2.19 -14.79 -28.50
CA ASN A 593 1.11 -14.10 -27.80
C ASN A 593 1.23 -12.58 -27.83
N MET A 594 0.65 -11.97 -28.85
CA MET A 594 0.73 -10.51 -28.97
C MET A 594 0.20 -9.74 -27.77
N VAL A 595 -0.86 -10.20 -27.12
CA VAL A 595 -1.42 -9.41 -26.01
C VAL A 595 -0.44 -9.30 -24.83
N ASN A 596 0.54 -10.22 -24.79
CA ASN A 596 1.59 -10.22 -23.79
C ASN A 596 2.71 -9.23 -24.18
N MET A 597 2.44 -7.93 -24.01
CA MET A 597 3.27 -6.83 -24.55
C MET A 597 3.86 -5.88 -23.50
N LEU A 598 4.98 -5.27 -23.81
CA LEU A 598 5.54 -4.24 -22.94
C LEU A 598 4.94 -2.86 -23.25
N VAL A 599 4.26 -2.27 -22.29
CA VAL A 599 3.62 -0.98 -22.50
C VAL A 599 4.48 0.07 -21.86
N LEU A 600 5.10 0.91 -22.69
CA LEU A 600 5.93 2.03 -22.21
C LEU A 600 5.28 3.33 -22.65
N GLY A 601 4.26 3.76 -21.92
CA GLY A 601 3.44 4.90 -22.32
C GLY A 601 2.77 4.56 -23.62
N LYS A 602 3.08 5.28 -24.69
CA LYS A 602 2.49 5.04 -26.01
C LYS A 602 3.28 4.08 -26.89
N HIS A 603 4.44 3.64 -26.40
CA HIS A 603 5.33 2.78 -27.17
C HIS A 603 5.16 1.33 -26.73
N LEU A 604 4.59 0.51 -27.60
CA LEU A 604 4.22 -0.85 -27.24
C LEU A 604 5.26 -1.80 -27.81
N GLY A 605 5.79 -2.69 -26.99
CA GLY A 605 6.68 -3.78 -27.47
C GLY A 605 5.93 -5.10 -27.55
N ILE A 606 5.42 -5.41 -28.74
CA ILE A 606 4.53 -6.53 -28.99
C ILE A 606 5.30 -7.71 -29.58
N PRO A 607 5.09 -8.93 -29.08
CA PRO A 607 5.75 -10.08 -29.69
C PRO A 607 5.46 -10.19 -31.18
N LYS A 608 6.49 -10.55 -31.97
CA LYS A 608 6.34 -10.63 -33.44
C LYS A 608 5.62 -11.93 -33.83
N PRO A 609 4.36 -11.82 -34.30
CA PRO A 609 3.54 -13.01 -34.53
C PRO A 609 4.03 -13.87 -35.70
N PHE A 610 4.79 -13.27 -36.61
CA PHE A 610 5.25 -13.92 -37.83
C PHE A 610 4.05 -14.52 -38.58
N GLY A 611 3.04 -13.68 -38.80
CA GLY A 611 1.84 -14.11 -39.45
C GLY A 611 2.00 -14.33 -40.95
N PRO A 612 0.90 -14.69 -41.61
CA PRO A 612 0.89 -14.83 -43.06
C PRO A 612 1.19 -13.49 -43.70
N VAL A 613 2.13 -13.47 -44.65
CA VAL A 613 2.58 -12.22 -45.27
C VAL A 613 1.78 -11.92 -46.56
N ILE A 614 1.06 -10.81 -46.53
CA ILE A 614 0.17 -10.41 -47.60
C ILE A 614 0.49 -8.96 -47.98
N ASN A 615 0.64 -8.74 -49.29
CA ASN A 615 1.08 -7.48 -49.85
C ASN A 615 2.17 -6.84 -49.01
N GLY A 616 3.24 -7.60 -48.80
CA GLY A 616 4.45 -7.09 -48.16
C GLY A 616 4.45 -7.18 -46.64
N ARG A 617 3.29 -7.40 -46.04
CA ARG A 617 3.15 -7.28 -44.59
C ARG A 617 2.50 -8.48 -43.93
N CYS A 618 2.86 -8.72 -42.67
CA CYS A 618 2.16 -9.66 -41.81
C CYS A 618 0.77 -9.10 -41.55
N CYS A 619 -0.28 -9.83 -41.91
CA CYS A 619 -1.64 -9.32 -41.72
C CYS A 619 -1.96 -9.19 -40.23
N LEU A 620 -1.40 -10.08 -39.41
CA LEU A 620 -1.56 -9.95 -37.96
C LEU A 620 -0.98 -8.63 -37.50
N GLU A 621 0.25 -8.31 -37.88
CA GLU A 621 0.79 -6.99 -37.53
C GLU A 621 -0.12 -5.85 -37.98
N GLU A 622 -0.62 -5.93 -39.21
CA GLU A 622 -1.50 -4.88 -39.77
C GLU A 622 -2.83 -4.78 -39.05
N LYS A 623 -3.43 -5.91 -38.72
CA LYS A 623 -4.67 -5.87 -37.95
C LYS A 623 -4.43 -5.20 -36.59
N VAL A 624 -3.33 -5.53 -35.90
CA VAL A 624 -3.08 -4.97 -34.57
C VAL A 624 -2.81 -3.47 -34.63
N CYS A 625 -2.01 -3.06 -35.59
CA CYS A 625 -1.78 -1.65 -35.85
C CYS A 625 -3.07 -0.89 -36.16
N SER A 626 -3.99 -1.51 -36.89
CA SER A 626 -5.28 -0.87 -37.22
C SER A 626 -6.16 -0.73 -35.98
N LEU A 627 -5.99 -1.65 -35.03
CA LEU A 627 -6.75 -1.60 -33.79
C LEU A 627 -6.20 -0.53 -32.84
N LEU A 628 -4.90 -0.27 -32.91
CA LEU A 628 -4.26 0.53 -31.87
C LEU A 628 -3.68 1.87 -32.32
N GLU A 629 -3.41 2.06 -33.61
CA GLU A 629 -2.82 3.29 -34.08
C GLU A 629 -3.81 4.46 -33.91
N PRO A 630 -5.11 4.22 -34.15
CA PRO A 630 -6.14 5.22 -33.87
C PRO A 630 -6.27 5.67 -32.40
N LEU A 631 -5.63 4.95 -31.49
CA LEU A 631 -5.50 5.39 -30.10
C LEU A 631 -4.23 6.23 -29.94
N GLY A 632 -3.39 6.25 -30.96
CA GLY A 632 -2.10 6.98 -30.90
C GLY A 632 -0.99 6.17 -30.24
N LEU A 633 -1.12 4.84 -30.28
CA LEU A 633 -0.07 3.92 -29.86
C LEU A 633 0.87 3.61 -31.02
N GLN A 634 2.12 3.33 -30.68
CA GLN A 634 3.17 2.97 -31.63
C GLN A 634 3.62 1.53 -31.36
N CYS A 635 3.28 0.63 -32.28
CA CYS A 635 3.58 -0.77 -32.14
C CYS A 635 4.94 -1.10 -32.74
N THR A 636 5.81 -1.72 -31.96
CA THR A 636 7.04 -2.35 -32.45
C THR A 636 6.94 -3.83 -32.23
N PHE A 637 7.37 -4.61 -33.21
CA PHE A 637 7.25 -6.05 -33.14
C PHE A 637 8.62 -6.68 -32.95
N ILE A 638 8.80 -7.34 -31.81
CA ILE A 638 10.10 -7.81 -31.37
C ILE A 638 10.19 -9.32 -31.52
N ASN A 639 11.24 -9.81 -32.18
CA ASN A 639 11.41 -11.25 -32.35
C ASN A 639 11.74 -11.90 -31.02
N ASP A 640 10.91 -12.83 -30.59
CA ASP A 640 11.08 -13.47 -29.30
C ASP A 640 10.84 -14.98 -29.38
N PHE A 641 11.13 -15.55 -30.54
CA PHE A 641 10.52 -16.84 -30.94
C PHE A 641 11.25 -18.08 -30.45
N PHE A 642 12.54 -18.22 -30.81
CA PHE A 642 13.35 -19.35 -30.33
C PHE A 642 13.90 -19.07 -28.92
N THR A 643 13.93 -17.78 -28.56
CA THR A 643 14.44 -17.30 -27.28
C THR A 643 13.39 -17.34 -26.16
N TYR A 644 12.16 -16.92 -26.46
CA TYR A 644 11.09 -16.84 -25.47
C TYR A 644 9.88 -17.74 -25.81
N HIS A 645 9.27 -17.53 -26.98
CA HIS A 645 7.99 -18.18 -27.33
C HIS A 645 7.99 -19.71 -27.15
N ILE A 646 9.10 -20.37 -27.54
CA ILE A 646 9.18 -21.84 -27.49
C ILE A 646 9.39 -22.34 -26.05
N ARG A 647 9.72 -21.41 -25.16
CA ARG A 647 9.81 -21.69 -23.72
C ARG A 647 8.59 -21.11 -22.96
N HIS A 648 7.48 -20.98 -23.69
CA HIS A 648 6.14 -20.77 -23.13
C HIS A 648 5.90 -19.36 -22.55
N GLY A 649 6.60 -18.35 -23.07
CA GLY A 649 6.43 -16.95 -22.65
C GLY A 649 6.82 -15.97 -23.76
N GLU A 650 6.59 -14.66 -23.57
CA GLU A 650 6.86 -13.65 -24.59
C GLU A 650 7.62 -12.40 -24.05
N VAL A 651 7.41 -11.23 -24.65
CA VAL A 651 8.10 -9.97 -24.31
C VAL A 651 7.71 -9.45 -22.94
N HIS A 652 6.40 -9.46 -22.63
CA HIS A 652 5.95 -9.04 -21.29
C HIS A 652 6.54 -9.98 -20.23
N CYS A 653 6.65 -11.26 -20.56
CA CYS A 653 7.19 -12.24 -19.64
C CYS A 653 8.71 -12.16 -19.46
N GLY A 654 9.41 -11.63 -20.46
CA GLY A 654 10.86 -11.46 -20.39
C GLY A 654 11.34 -10.20 -19.71
N THR A 655 10.40 -9.42 -19.13
CA THR A 655 10.68 -8.04 -18.68
C THR A 655 9.87 -7.53 -17.49
N ASN A 656 10.31 -6.41 -16.91
CA ASN A 656 9.55 -5.68 -15.88
C ASN A 656 9.72 -4.16 -15.99
N VAL A 657 8.85 -3.41 -15.31
CA VAL A 657 8.84 -1.94 -15.40
C VAL A 657 8.52 -1.31 -14.04
N ARG A 658 9.29 -0.32 -13.60
CA ARG A 658 8.86 0.55 -12.50
C ARG A 658 8.14 1.77 -13.07
N ARG A 659 7.02 2.16 -12.47
CA ARG A 659 6.25 3.28 -12.99
C ARG A 659 5.92 4.31 -11.93
N LYS A 660 5.44 5.45 -12.41
CA LYS A 660 5.13 6.60 -11.56
C LYS A 660 3.96 6.30 -10.62
N PRO A 661 4.19 6.41 -9.31
CA PRO A 661 3.08 6.25 -8.38
C PRO A 661 1.97 7.25 -8.63
N PHE A 662 0.75 6.85 -8.31
CA PHE A 662 -0.41 7.69 -8.47
C PHE A 662 -0.30 9.00 -7.71
N SER A 663 -0.77 10.08 -8.30
CA SER A 663 -0.83 11.37 -7.62
C SER A 663 -1.88 11.37 -6.53
N PHE A 664 -2.95 10.63 -6.76
CA PHE A 664 -4.01 10.47 -5.76
C PHE A 664 -3.39 9.75 -4.57
N LYS A 665 -3.72 10.21 -3.36
CA LYS A 665 -3.12 9.70 -2.16
C LYS A 665 -4.05 8.64 -1.59
N TRP A 666 -3.51 7.44 -1.33
CA TRP A 666 -4.30 6.24 -0.98
C TRP A 666 -5.24 6.50 0.21
N TRP A 667 -4.77 7.28 1.16
CA TRP A 667 -5.55 7.58 2.34
C TRP A 667 -6.79 8.47 2.08
N ASN A 668 -6.89 9.09 0.89
CA ASN A 668 -8.15 9.77 0.52
C ASN A 668 -9.25 8.89 -0.06
N MET A 669 -8.94 7.64 -0.33
CA MET A 669 -9.93 6.66 -0.78
C MET A 669 -10.82 6.43 0.42
N VAL A 670 -12.00 5.88 0.22
CA VAL A 670 -12.73 5.29 1.37
C VAL A 670 -13.14 3.86 1.06
N PRO A 671 -12.17 2.89 1.16
CA PRO A 671 -12.31 1.50 0.70
C PRO A 671 -13.63 0.88 1.15
C1 YCL B . 12.82 -22.48 -18.50
O1 YCL B . 13.10 -22.99 -17.39
O2 YCL B . 13.34 -21.41 -18.89
NAA YCL B . 6.51 -21.94 -17.54
NAC YCL B . 4.72 -14.67 -17.15
OAE YCL B . 6.74 -20.54 -15.83
OAF YCL B . 10.10 -22.41 -17.06
CAH YCL B . 11.54 -24.82 -21.21
CAI YCL B . 12.39 -24.09 -20.36
CAJ YCL B . 10.15 -24.68 -21.08
CAK YCL B . 11.86 -23.22 -19.40
CAL YCL B . 9.63 -23.81 -20.13
CAM YCL B . 6.47 -18.53 -18.42
CAN YCL B . 6.43 -17.13 -17.81
CAO YCL B . 7.88 -19.11 -18.54
CAP YCL B . 3.92 -14.70 -19.43
NAR YCL B . 5.52 -16.33 -18.63
NAS YCL B . 8.98 -21.22 -18.60
CAU YCL B . 7.12 -20.93 -16.93
CAV YCL B . 4.76 -15.27 -18.33
CAW YCL B . 9.84 -22.18 -18.23
CAX YCL B . 10.47 -23.07 -19.28
CAZ YCL B . 8.29 -20.31 -17.67
S SO4 C . 2.88 -25.38 -11.85
O1 SO4 C . 4.33 -25.11 -11.75
O2 SO4 C . 2.42 -26.12 -10.66
O3 SO4 C . 2.14 -24.12 -11.91
O4 SO4 C . 2.58 -26.14 -13.08
S SO4 D . -12.58 -7.29 -35.13
O1 SO4 D . -11.75 -6.14 -35.50
O2 SO4 D . -11.83 -8.54 -35.33
O3 SO4 D . -12.98 -7.18 -33.73
O4 SO4 D . -13.77 -7.35 -35.99
S SO4 E . -1.84 -28.49 -49.11
O1 SO4 E . -1.89 -29.69 -49.94
O2 SO4 E . -3.13 -27.78 -49.20
O3 SO4 E . -1.60 -28.90 -47.72
O4 SO4 E . -0.74 -27.62 -49.54
CA CA F . 2.92 -8.46 -13.13
CA CA G . 11.92 -14.69 -4.48
CA CA H . 15.14 3.88 5.31
CA CA I . 15.20 5.80 2.18
CA CA J . 17.47 0.66 11.70
#